data_8CWV
#
_entry.id   8CWV
#
_cell.length_a   89.310
_cell.length_b   142.024
_cell.length_c   149.367
_cell.angle_alpha   90.000
_cell.angle_beta   90.000
_cell.angle_gamma   90.000
#
_symmetry.space_group_name_H-M   'C 2 2 21'
#
loop_
_entity.id
_entity.type
_entity.pdbx_description
1 polymer 'Spike protein S1'
2 polymer 'VHH 2-31'
3 polymer 'CC12.1 Fab heavy chain'
4 polymer 'CC12.1 Fab light chain'
5 branched 2-acetamido-2-deoxy-beta-D-glucopyranose-(1-4)-[alpha-L-fucopyranose-(1-6)]2-acetamido-2-deoxy-beta-D-glucopyranose
#
loop_
_entity_poly.entity_id
_entity_poly.type
_entity_poly.pdbx_seq_one_letter_code
_entity_poly.pdbx_strand_id
1 'polypeptide(L)'
;TNLCPFGEVFNATRFASVYAWNRKRISNCVADYSVLYNSASFSTFKCYGVSPTKLNDLCFTNVYADSFVIRGDEVRQIAP
GQTGKIADYNYKLPDDFTGCVIAWNSNNLDSKVGGNYNYLYRLFRKSNLKPFERDISTEIYQAGSTPCNGVEGFNCYFPL
QSYGFQPTNGVGYQPYRVVVLSFELLHAPATVCGPKKSGHHHHHH
;
A
2 'polypeptide(L)'
;MASMTGGQQMGRDPNSQVQLVESGGGLVQAGESLRLSCAASKPTFRNFAAGWFRQTPGKDREFVAVIEYDGDSAYYADSV
KGRFTISRDNAKNTVYLQMNRLKPGDTAVYICAIGGNHYDPSKYYTADEYDYWGQGTQVTVSSKLAAALEHHHHHH
;
B
3 'polypeptide(L)'
;EVQLVESGGGLIQPGGSLRLSCAASGLTVSSNYMSWVRQAPGKGLEWVSVIYSGGSTFYADSVKGRFTISRDNSKNTLYL
QMNSLRAEDTAVYYCARDLDVYGLDVWGQGTTVTVSSASTKGPSVFPLAPSSKSTSGGTAALGCLVKDYFPEPVTVSWNS
GALTSGVHTFPAVLQSSGLYSLSSVVTVPSSSLGTQTYICNVNHKPSNTKVDKRVEPKSC
;
H
4 'polypeptide(L)'
;DIVMTQSPSFLSASVGDRVTITCRASQGISSYLAWYQQKPGKAPKLLIYAASTLQSGVPSRFSGSGSGTEFTLTISSLQP
EDFATYYCQQLNSYPPKFTFGPGTKVEIKRTVAAPSVFIFPPSDEQLKSGTASVVCLLNNFYPREAKVQWKVDNALQSGN
SQESVTEQDSKDSTYSLSSTLTLSKADYEKHKVYACEVTHQGLSSPVTKSFNRGECS
;
L
#
# COMPACT_ATOMS: atom_id res chain seq x y z
N ASN A 2 49.20 22.64 11.66
CA ASN A 2 47.80 22.93 11.95
C ASN A 2 46.92 21.70 11.74
N LEU A 3 46.07 21.41 12.72
CA LEU A 3 45.11 20.31 12.60
C LEU A 3 43.93 20.74 11.75
N CYS A 4 43.26 19.75 11.14
CA CYS A 4 42.14 20.07 10.26
C CYS A 4 40.91 20.46 11.07
N PRO A 5 40.13 21.44 10.59
CA PRO A 5 38.93 21.91 11.31
C PRO A 5 37.76 20.93 11.22
N PHE A 6 37.78 19.92 12.07
CA PHE A 6 36.71 18.92 12.10
C PHE A 6 35.66 19.20 13.17
N GLY A 7 36.04 19.89 14.25
CA GLY A 7 35.05 20.25 15.25
C GLY A 7 34.02 21.23 14.72
N GLU A 8 34.44 22.20 13.91
CA GLU A 8 33.50 23.16 13.37
C GLU A 8 32.49 22.53 12.42
N VAL A 9 32.80 21.37 11.84
CA VAL A 9 31.85 20.68 10.97
C VAL A 9 31.01 19.68 11.75
N PHE A 10 31.61 18.94 12.68
CA PHE A 10 30.90 17.90 13.41
C PHE A 10 30.26 18.41 14.70
N ASN A 11 30.97 19.25 15.45
CA ASN A 11 30.47 19.84 16.69
C ASN A 11 29.66 21.12 16.44
N ALA A 12 29.29 21.39 15.19
CA ALA A 12 28.59 22.62 14.85
C ALA A 12 27.28 22.72 15.59
N THR A 13 27.00 23.90 16.16
CA THR A 13 25.79 24.09 16.94
C THR A 13 24.54 24.00 16.07
N ARG A 14 24.62 24.44 14.82
CA ARG A 14 23.49 24.37 13.89
C ARG A 14 23.98 23.83 12.55
N PHE A 15 23.24 22.90 11.98
CA PHE A 15 23.50 22.38 10.66
C PHE A 15 22.61 23.08 9.63
N ALA A 16 22.98 22.94 8.36
CA ALA A 16 22.24 23.58 7.29
C ALA A 16 21.09 22.71 6.82
N SER A 17 20.09 23.36 6.22
CA SER A 17 19.03 22.63 5.54
C SER A 17 19.59 21.91 4.32
N VAL A 18 19.00 20.77 4.00
CA VAL A 18 19.54 19.92 2.94
C VAL A 18 19.47 20.61 1.58
N TYR A 19 18.42 21.39 1.33
CA TYR A 19 18.33 22.10 0.05
C TYR A 19 19.43 23.13 -0.10
N ALA A 20 19.94 23.65 1.02
CA ALA A 20 21.01 24.65 1.01
C ALA A 20 22.23 24.11 1.75
N TRP A 21 22.63 22.89 1.44
CA TRP A 21 23.68 22.21 2.19
C TRP A 21 24.98 23.01 2.18
N ASN A 22 25.70 22.92 3.28
CA ASN A 22 26.97 23.63 3.45
C ASN A 22 28.12 22.82 2.88
N ARG A 23 29.09 23.52 2.30
CA ARG A 23 30.33 22.91 1.83
C ARG A 23 31.50 23.68 2.42
N LYS A 24 32.38 22.97 3.11
CA LYS A 24 33.57 23.56 3.70
C LYS A 24 34.81 22.91 3.10
N ARG A 25 35.74 23.73 2.62
CA ARG A 25 36.95 23.25 1.97
C ARG A 25 38.03 23.02 3.02
N ILE A 26 38.50 21.77 3.13
CA ILE A 26 39.56 21.41 4.07
C ILE A 26 40.86 21.35 3.29
N SER A 27 41.84 22.15 3.73
CA SER A 27 43.10 22.24 3.00
C SER A 27 44.21 22.68 3.95
N ASN A 28 45.42 22.21 3.65
CA ASN A 28 46.64 22.61 4.36
C ASN A 28 46.51 22.38 5.87
N CYS A 29 46.32 21.11 6.22
CA CYS A 29 46.15 20.75 7.62
C CYS A 29 46.43 19.25 7.78
N VAL A 30 46.63 18.86 9.04
CA VAL A 30 46.77 17.46 9.43
C VAL A 30 45.41 16.99 9.93
N ALA A 31 44.97 15.82 9.46
CA ALA A 31 43.65 15.30 9.77
C ALA A 31 43.78 14.04 10.61
N ASP A 32 43.33 14.10 11.85
CA ASP A 32 43.27 12.93 12.73
C ASP A 32 41.81 12.51 12.84
N TYR A 33 41.53 11.28 12.41
CA TYR A 33 40.17 10.74 12.41
C TYR A 33 39.84 10.00 13.70
N SER A 34 40.73 10.05 14.69
CA SER A 34 40.43 9.46 15.99
C SER A 34 39.27 10.16 16.68
N VAL A 35 38.98 11.42 16.32
CA VAL A 35 37.83 12.11 16.86
C VAL A 35 36.55 11.38 16.49
N LEU A 36 36.50 10.84 15.26
CA LEU A 36 35.36 10.05 14.82
C LEU A 36 35.48 8.58 15.19
N TYR A 37 36.70 8.07 15.34
CA TYR A 37 36.88 6.66 15.70
C TYR A 37 36.39 6.38 17.11
N ASN A 38 36.81 7.19 18.08
CA ASN A 38 36.46 6.93 19.48
C ASN A 38 34.97 7.11 19.73
N SER A 39 34.36 8.10 19.09
CA SER A 39 32.94 8.36 19.30
C SER A 39 32.10 7.24 18.71
N ALA A 40 31.28 6.61 19.54
CA ALA A 40 30.39 5.53 19.12
C ALA A 40 28.96 6.01 18.87
N SER A 41 28.81 7.25 18.43
CA SER A 41 27.50 7.85 18.19
C SER A 41 27.06 7.77 16.74
N PHE A 42 27.95 7.42 15.83
CA PHE A 42 27.63 7.43 14.40
C PHE A 42 26.79 6.22 14.03
N SER A 43 25.65 6.47 13.39
CA SER A 43 24.82 5.38 12.89
C SER A 43 25.30 4.89 11.53
N THR A 44 25.94 5.76 10.74
CA THR A 44 26.44 5.41 9.43
C THR A 44 27.87 5.94 9.27
N PHE A 45 28.78 5.05 8.87
CA PHE A 45 30.17 5.42 8.55
C PHE A 45 30.59 4.47 7.42
N LYS A 46 30.36 4.92 6.19
CA LYS A 46 30.71 4.13 5.01
C LYS A 46 31.51 5.00 4.05
N CYS A 47 32.54 4.42 3.47
CA CYS A 47 33.44 5.14 2.58
C CYS A 47 33.50 4.45 1.23
N TYR A 48 33.73 5.25 0.19
CA TYR A 48 33.78 4.76 -1.18
C TYR A 48 35.14 5.09 -1.79
N GLY A 49 35.78 4.09 -2.39
CA GLY A 49 37.12 4.26 -2.89
C GLY A 49 38.18 4.34 -1.82
N VAL A 50 37.82 4.10 -0.57
CA VAL A 50 38.75 4.23 0.56
C VAL A 50 38.18 3.41 1.71
N SER A 51 39.08 2.77 2.46
CA SER A 51 38.57 2.08 3.64
C SER A 51 38.50 3.04 4.82
N PRO A 52 37.42 2.98 5.62
CA PRO A 52 37.30 3.91 6.75
C PRO A 52 38.38 3.74 7.82
N THR A 53 39.03 2.58 7.87
CA THR A 53 40.02 2.32 8.92
C THR A 53 41.39 2.88 8.59
N LYS A 54 41.70 3.09 7.31
CA LYS A 54 43.03 3.53 6.89
C LYS A 54 43.10 5.03 6.64
N LEU A 55 42.05 5.79 6.99
CA LEU A 55 42.02 7.21 6.69
C LEU A 55 43.15 8.00 7.35
N ASN A 56 43.75 7.46 8.41
CA ASN A 56 44.86 8.13 9.08
C ASN A 56 46.20 7.87 8.38
N ASP A 57 46.22 7.00 7.38
CA ASP A 57 47.45 6.66 6.66
C ASP A 57 47.50 7.28 5.26
N LEU A 58 46.46 7.97 4.84
CA LEU A 58 46.35 8.47 3.47
C LEU A 58 46.42 9.98 3.43
N CYS A 59 46.74 10.50 2.25
CA CYS A 59 46.82 11.93 2.00
C CYS A 59 45.96 12.26 0.78
N PHE A 60 45.44 13.49 0.76
CA PHE A 60 44.58 13.94 -0.32
C PHE A 60 44.98 15.34 -0.74
N THR A 61 44.78 15.64 -2.03
CA THR A 61 45.11 16.96 -2.54
C THR A 61 44.12 18.02 -2.02
N ASN A 62 42.85 17.65 -1.88
CA ASN A 62 41.85 18.56 -1.34
C ASN A 62 40.66 17.75 -0.84
N VAL A 63 40.10 18.17 0.29
CA VAL A 63 38.99 17.48 0.93
C VAL A 63 37.84 18.45 1.09
N TYR A 64 36.64 18.03 0.68
CA TYR A 64 35.43 18.80 0.86
C TYR A 64 34.56 18.16 1.93
N ALA A 65 33.94 18.98 2.77
CA ALA A 65 33.09 18.51 3.86
C ALA A 65 31.70 19.11 3.69
N ASP A 66 30.74 18.27 3.31
CA ASP A 66 29.36 18.69 3.14
C ASP A 66 28.54 18.24 4.35
N SER A 67 27.65 19.11 4.82
CA SER A 67 26.86 18.83 6.01
C SER A 67 25.44 19.33 5.83
N PHE A 68 24.48 18.58 6.38
CA PHE A 68 23.06 18.93 6.31
C PHE A 68 22.31 18.04 7.30
N VAL A 69 21.00 18.25 7.40
CA VAL A 69 20.13 17.48 8.28
C VAL A 69 19.00 16.89 7.45
N ILE A 70 18.77 15.58 7.59
CA ILE A 70 17.70 14.87 6.92
C ILE A 70 17.08 13.88 7.89
N ARG A 71 16.09 13.14 7.42
CA ARG A 71 15.49 12.08 8.23
C ARG A 71 16.34 10.82 8.18
N GLY A 72 16.13 9.96 9.19
CA GLY A 72 16.83 8.69 9.21
C GLY A 72 16.45 7.80 8.04
N ASP A 73 15.19 7.86 7.61
CA ASP A 73 14.76 7.07 6.46
C ASP A 73 15.37 7.56 5.15
N GLU A 74 15.92 8.77 5.14
CA GLU A 74 16.49 9.35 3.92
C GLU A 74 18.02 9.32 3.92
N VAL A 75 18.65 8.80 4.98
CA VAL A 75 20.10 8.74 5.02
C VAL A 75 20.63 7.79 3.95
N ARG A 76 19.90 6.70 3.67
CA ARG A 76 20.33 5.74 2.65
C ARG A 76 20.42 6.38 1.26
N GLN A 77 19.74 7.51 1.04
CA GLN A 77 19.82 8.20 -0.23
C GLN A 77 21.11 8.97 -0.41
N ILE A 78 21.91 9.13 0.64
CA ILE A 78 23.23 9.78 0.52
C ILE A 78 24.20 8.65 0.20
N ALA A 79 24.26 8.30 -1.09
CA ALA A 79 25.04 7.19 -1.60
C ALA A 79 24.99 7.22 -3.13
N PRO A 80 26.01 6.70 -3.81
CA PRO A 80 26.00 6.73 -5.28
C PRO A 80 24.83 5.93 -5.85
N GLY A 81 24.16 6.52 -6.84
CA GLY A 81 23.11 5.82 -7.57
C GLY A 81 21.80 5.63 -6.84
N GLN A 82 21.48 6.49 -5.88
CA GLN A 82 20.25 6.38 -5.11
C GLN A 82 19.19 7.34 -5.65
N THR A 83 17.93 7.03 -5.33
CA THR A 83 16.79 7.81 -5.80
C THR A 83 15.93 8.22 -4.61
N GLY A 84 15.19 9.31 -4.80
CA GLY A 84 14.33 9.84 -3.77
C GLY A 84 14.28 11.36 -3.77
N LYS A 85 13.45 11.94 -2.91
CA LYS A 85 13.32 13.39 -2.88
C LYS A 85 14.62 14.07 -2.50
N ILE A 86 15.44 13.42 -1.67
CA ILE A 86 16.73 14.00 -1.29
C ILE A 86 17.75 13.80 -2.40
N ALA A 87 17.84 12.57 -2.93
CA ALA A 87 18.84 12.28 -3.95
C ALA A 87 18.54 12.98 -5.27
N ASP A 88 17.26 13.15 -5.60
CA ASP A 88 16.90 13.74 -6.89
C ASP A 88 16.77 15.25 -6.85
N TYR A 89 16.32 15.82 -5.73
CA TYR A 89 16.03 17.24 -5.67
C TYR A 89 16.82 18.00 -4.60
N ASN A 90 17.55 17.33 -3.71
CA ASN A 90 18.28 18.02 -2.66
C ASN A 90 19.78 17.79 -2.71
N TYR A 91 20.24 16.54 -2.70
CA TYR A 91 21.67 16.24 -2.63
C TYR A 91 21.94 14.96 -3.39
N LYS A 92 22.73 15.05 -4.46
CA LYS A 92 23.00 13.92 -5.35
C LYS A 92 24.49 13.61 -5.30
N LEU A 93 24.84 12.43 -4.79
CA LEU A 93 26.22 11.96 -4.86
C LEU A 93 26.50 11.36 -6.23
N PRO A 94 27.68 11.57 -6.79
CA PRO A 94 28.00 10.99 -8.10
C PRO A 94 28.27 9.51 -8.01
N ASP A 95 28.16 8.84 -9.16
CA ASP A 95 28.42 7.41 -9.20
C ASP A 95 29.90 7.09 -9.01
N ASP A 96 30.78 8.02 -9.37
CA ASP A 96 32.22 7.89 -9.14
C ASP A 96 32.67 8.57 -7.86
N PHE A 97 31.79 8.63 -6.86
CA PHE A 97 32.10 9.30 -5.61
C PHE A 97 33.24 8.61 -4.88
N THR A 98 34.27 9.37 -4.55
CA THR A 98 35.42 8.88 -3.77
C THR A 98 35.44 9.67 -2.47
N GLY A 99 34.96 9.05 -1.39
CA GLY A 99 34.89 9.74 -0.12
C GLY A 99 34.13 8.92 0.90
N CYS A 100 33.68 9.59 1.96
CA CYS A 100 33.03 8.95 3.09
C CYS A 100 31.70 9.64 3.39
N VAL A 101 30.77 8.86 3.94
CA VAL A 101 29.47 9.36 4.37
C VAL A 101 29.31 9.02 5.85
N ILE A 102 29.11 10.04 6.68
CA ILE A 102 29.00 9.89 8.12
C ILE A 102 27.69 10.53 8.57
N ALA A 103 26.90 9.78 9.33
CA ALA A 103 25.61 10.26 9.83
C ALA A 103 25.40 9.78 11.26
N TRP A 104 24.72 10.61 12.05
CA TRP A 104 24.38 10.25 13.42
C TRP A 104 23.06 10.90 13.79
N ASN A 105 22.36 10.25 14.74
CA ASN A 105 21.08 10.76 15.20
C ASN A 105 21.26 12.08 15.94
N SER A 106 20.33 13.02 15.69
CA SER A 106 20.39 14.34 16.28
C SER A 106 19.05 14.75 16.88
N ASN A 107 18.29 13.78 17.39
CA ASN A 107 17.00 14.09 17.99
C ASN A 107 17.15 14.95 19.23
N ASN A 108 18.30 14.89 19.90
CA ASN A 108 18.56 15.70 21.07
C ASN A 108 18.89 17.16 20.74
N LEU A 109 19.13 17.46 19.47
CA LEU A 109 19.60 18.78 19.08
C LEU A 109 18.71 19.50 18.07
N ASP A 110 17.90 18.78 17.30
CA ASP A 110 17.11 19.38 16.23
C ASP A 110 15.64 18.99 16.32
N SER A 111 15.15 18.73 17.53
CA SER A 111 13.75 18.40 17.75
C SER A 111 13.16 19.32 18.81
N LYS A 112 11.96 19.82 18.54
CA LYS A 112 11.24 20.69 19.45
C LYS A 112 9.90 20.06 19.81
N VAL A 113 9.43 20.37 21.03
CA VAL A 113 8.23 19.71 21.57
C VAL A 113 7.05 19.87 20.61
N GLY A 114 6.66 21.13 20.36
CA GLY A 114 5.59 21.36 19.40
C GLY A 114 5.98 21.05 17.97
N GLY A 115 7.28 21.01 17.68
CA GLY A 115 7.75 20.69 16.35
C GLY A 115 8.73 21.70 15.82
N ASN A 116 9.94 21.25 15.48
CA ASN A 116 10.95 22.11 14.87
C ASN A 116 10.70 22.16 13.37
N TYR A 117 10.34 23.32 12.87
CA TYR A 117 10.03 23.51 11.45
C TYR A 117 11.04 24.42 10.76
N ASN A 118 12.26 24.51 11.30
CA ASN A 118 13.30 25.34 10.73
C ASN A 118 14.21 24.58 9.77
N TYR A 119 13.98 23.29 9.57
CA TYR A 119 14.74 22.48 8.64
C TYR A 119 13.88 22.18 7.43
N LEU A 120 14.40 22.49 6.24
CA LEU A 120 13.64 22.39 5.01
C LEU A 120 14.32 21.49 4.00
N TYR A 121 13.51 20.88 3.14
CA TYR A 121 13.96 20.14 1.98
C TYR A 121 13.15 20.59 0.77
N ARG A 122 13.71 20.41 -0.41
CA ARG A 122 13.01 20.77 -1.64
C ARG A 122 12.07 19.63 -2.02
N LEU A 123 10.79 19.95 -2.18
CA LEU A 123 9.77 18.95 -2.49
C LEU A 123 9.36 18.95 -3.95
N PHE A 124 9.39 20.10 -4.61
CA PHE A 124 8.94 20.23 -5.99
C PHE A 124 10.10 20.67 -6.88
N ARG A 125 10.33 19.92 -7.95
CA ARG A 125 11.36 20.26 -8.93
C ARG A 125 11.06 19.51 -10.22
N LYS A 126 11.23 20.19 -11.35
CA LYS A 126 10.92 19.59 -12.64
C LYS A 126 11.89 18.46 -12.97
N SER A 127 13.18 18.68 -12.74
CA SER A 127 14.22 17.75 -13.15
C SER A 127 15.09 17.37 -11.95
N ASN A 128 15.78 16.25 -12.10
CA ASN A 128 16.67 15.76 -11.06
C ASN A 128 17.94 16.59 -10.99
N LEU A 129 18.49 16.74 -9.78
CA LEU A 129 19.73 17.48 -9.60
C LEU A 129 20.90 16.74 -10.21
N LYS A 130 21.88 17.51 -10.69
CA LYS A 130 23.16 16.96 -11.08
C LYS A 130 23.99 16.64 -9.85
N PRO A 131 25.02 15.80 -9.98
CA PRO A 131 25.86 15.49 -8.82
C PRO A 131 26.47 16.74 -8.21
N PHE A 132 26.43 16.82 -6.87
CA PHE A 132 27.02 17.93 -6.12
C PHE A 132 26.44 19.28 -6.53
N GLU A 133 25.13 19.31 -6.82
CA GLU A 133 24.44 20.54 -7.20
C GLU A 133 23.60 21.05 -6.04
N ARG A 134 23.60 22.37 -5.86
CA ARG A 134 22.82 23.03 -4.81
C ARG A 134 21.83 23.97 -5.45
N ASP A 135 20.53 23.73 -5.21
CA ASP A 135 19.46 24.57 -5.71
C ASP A 135 18.86 25.33 -4.53
N ILE A 136 19.12 26.64 -4.48
CA ILE A 136 18.58 27.47 -3.41
C ILE A 136 17.42 28.33 -3.91
N SER A 137 16.85 28.00 -5.06
CA SER A 137 15.75 28.77 -5.62
C SER A 137 14.49 28.59 -4.78
N THR A 138 13.71 29.68 -4.69
CA THR A 138 12.44 29.68 -3.95
C THR A 138 11.29 30.10 -4.86
N GLU A 139 11.43 29.89 -6.17
CA GLU A 139 10.38 30.26 -7.11
C GLU A 139 9.20 29.32 -6.99
N ILE A 140 8.00 29.87 -7.19
CA ILE A 140 6.78 29.08 -7.08
C ILE A 140 6.74 28.03 -8.18
N TYR A 141 6.45 26.79 -7.79
CA TYR A 141 6.46 25.67 -8.73
C TYR A 141 5.15 25.59 -9.48
N GLN A 142 5.23 25.42 -10.80
CA GLN A 142 4.05 25.35 -11.66
C GLN A 142 3.75 23.88 -11.94
N ALA A 143 2.66 23.38 -11.36
CA ALA A 143 2.25 21.99 -11.55
C ALA A 143 1.24 21.81 -12.68
N GLY A 144 0.74 22.89 -13.26
CA GLY A 144 -0.20 22.80 -14.36
C GLY A 144 0.27 23.57 -15.57
N SER A 145 -0.67 24.00 -16.41
CA SER A 145 -0.35 24.78 -17.60
C SER A 145 -0.58 26.28 -17.42
N THR A 146 -1.17 26.70 -16.30
CA THR A 146 -1.45 28.10 -16.05
C THR A 146 -0.31 28.72 -15.22
N PRO A 147 0.24 29.85 -15.65
CA PRO A 147 1.35 30.45 -14.90
C PRO A 147 0.91 30.92 -13.52
N CYS A 148 1.87 30.91 -12.59
CA CYS A 148 1.61 31.29 -11.20
C CYS A 148 1.80 32.78 -10.95
N ASN A 149 2.80 33.39 -11.60
CA ASN A 149 3.12 34.80 -11.41
C ASN A 149 3.41 35.13 -9.95
N GLY A 150 4.18 34.25 -9.29
CA GLY A 150 4.61 34.49 -7.93
C GLY A 150 3.54 34.35 -6.87
N VAL A 151 2.39 33.77 -7.20
CA VAL A 151 1.27 33.63 -6.28
C VAL A 151 1.02 32.15 -6.05
N GLU A 152 0.91 31.77 -4.78
CA GLU A 152 0.62 30.39 -4.42
C GLU A 152 -0.87 30.08 -4.58
N GLY A 153 -1.16 28.84 -4.94
CA GLY A 153 -2.53 28.41 -5.12
C GLY A 153 -2.63 26.98 -5.62
N PHE A 154 -3.66 26.69 -6.42
CA PHE A 154 -3.80 25.37 -7.00
C PHE A 154 -2.79 25.19 -8.12
N ASN A 155 -2.06 24.07 -8.09
CA ASN A 155 -0.99 23.79 -9.05
C ASN A 155 0.07 24.90 -9.05
N CYS A 156 0.20 25.60 -7.92
CA CYS A 156 1.18 26.68 -7.77
C CYS A 156 1.61 26.66 -6.32
N TYR A 157 2.74 26.00 -6.04
CA TYR A 157 3.15 25.72 -4.68
C TYR A 157 4.57 26.19 -4.41
N PHE A 158 4.83 26.54 -3.16
CA PHE A 158 6.17 26.83 -2.72
C PHE A 158 7.02 25.56 -2.84
N PRO A 159 8.23 25.64 -3.42
CA PRO A 159 8.99 24.41 -3.70
C PRO A 159 9.63 23.76 -2.49
N LEU A 160 9.80 24.48 -1.39
CA LEU A 160 10.46 23.95 -0.21
C LEU A 160 9.44 23.51 0.83
N GLN A 161 9.78 22.46 1.56
CA GLN A 161 8.91 21.95 2.62
C GLN A 161 9.67 21.81 3.92
N SER A 162 8.92 21.86 5.02
CA SER A 162 9.48 21.81 6.36
C SER A 162 9.36 20.40 6.91
N TYR A 163 10.46 19.91 7.50
CA TYR A 163 10.39 18.69 8.28
C TYR A 163 9.63 18.95 9.57
N GLY A 164 8.85 17.97 10.01
CA GLY A 164 8.30 18.02 11.34
C GLY A 164 9.14 17.19 12.29
N PHE A 165 10.05 17.84 13.03
CA PHE A 165 10.99 17.15 13.91
C PHE A 165 10.52 17.32 15.35
N GLN A 166 9.88 16.29 15.88
CA GLN A 166 9.42 16.26 17.26
C GLN A 166 10.15 15.16 18.03
N PRO A 167 10.42 15.36 19.31
CA PRO A 167 11.15 14.34 20.08
C PRO A 167 10.41 13.02 20.19
N THR A 168 9.09 13.02 20.06
CA THR A 168 8.30 11.80 20.14
C THR A 168 8.16 11.08 18.80
N ASN A 169 8.92 11.50 17.80
CA ASN A 169 8.85 10.89 16.48
C ASN A 169 9.59 9.56 16.47
N GLY A 170 9.27 8.74 15.47
CA GLY A 170 10.00 7.50 15.26
C GLY A 170 11.39 7.75 14.70
N VAL A 171 12.22 6.71 14.76
CA VAL A 171 13.61 6.84 14.33
C VAL A 171 13.69 7.17 12.84
N GLY A 172 12.68 6.78 12.06
CA GLY A 172 12.66 7.15 10.66
C GLY A 172 12.26 8.59 10.42
N TYR A 173 11.50 9.17 11.36
CA TYR A 173 11.09 10.56 11.26
C TYR A 173 11.98 11.51 12.06
N GLN A 174 12.94 10.96 12.82
CA GLN A 174 13.83 11.78 13.65
C GLN A 174 14.91 12.44 12.79
N PRO A 175 15.43 13.58 13.23
CA PRO A 175 16.51 14.24 12.47
C PRO A 175 17.84 13.53 12.64
N TYR A 176 18.59 13.45 11.53
CA TYR A 176 19.93 12.89 11.53
C TYR A 176 20.88 13.90 10.89
N ARG A 177 21.98 14.17 11.57
CA ARG A 177 23.01 15.05 11.04
C ARG A 177 23.98 14.24 10.19
N VAL A 178 24.22 14.70 8.95
CA VAL A 178 24.99 13.97 7.97
C VAL A 178 26.18 14.82 7.56
N VAL A 179 27.37 14.20 7.53
CA VAL A 179 28.58 14.83 7.03
C VAL A 179 29.10 13.99 5.87
N VAL A 180 29.35 14.63 4.74
CA VAL A 180 29.85 13.97 3.54
C VAL A 180 31.26 14.49 3.26
N LEU A 181 32.23 13.58 3.24
CA LEU A 181 33.63 13.92 3.00
C LEU A 181 33.99 13.47 1.58
N SER A 182 34.42 14.41 0.75
CA SER A 182 34.85 14.13 -0.61
C SER A 182 36.36 14.20 -0.71
N PHE A 183 36.95 13.22 -1.39
CA PHE A 183 38.40 13.15 -1.57
C PHE A 183 38.73 13.23 -3.04
N GLU A 184 39.69 14.09 -3.38
CA GLU A 184 40.22 14.18 -4.73
C GLU A 184 41.72 13.87 -4.69
N LEU A 185 42.19 13.15 -5.71
CA LEU A 185 43.61 12.82 -5.86
C LEU A 185 44.02 13.21 -7.27
N LEU A 186 44.40 14.47 -7.44
CA LEU A 186 44.88 14.99 -8.71
C LEU A 186 46.40 15.06 -8.70
N HIS A 187 46.97 15.33 -9.88
CA HIS A 187 48.42 15.47 -9.99
C HIS A 187 48.86 16.81 -9.42
N ALA A 188 48.65 16.99 -8.12
CA ALA A 188 48.93 18.24 -7.43
C ALA A 188 49.41 17.91 -6.03
N PRO A 189 50.11 18.83 -5.37
CA PRO A 189 50.58 18.55 -4.00
C PRO A 189 49.42 18.25 -3.06
N ALA A 190 49.66 17.32 -2.15
CA ALA A 190 48.66 16.93 -1.16
C ALA A 190 48.64 17.93 -0.02
N THR A 191 47.45 18.43 0.32
CA THR A 191 47.29 19.41 1.37
C THR A 191 46.76 18.84 2.67
N VAL A 192 45.98 17.77 2.61
CA VAL A 192 45.38 17.15 3.79
C VAL A 192 46.01 15.77 3.96
N CYS A 193 46.77 15.60 5.05
CA CYS A 193 47.46 14.36 5.34
C CYS A 193 47.06 13.86 6.72
N GLY A 194 47.08 12.54 6.89
CA GLY A 194 46.85 11.93 8.18
C GLY A 194 48.10 12.00 9.03
N PRO A 195 47.94 11.75 10.34
CA PRO A 195 49.11 11.83 11.24
C PRO A 195 50.13 10.74 10.98
N LYS A 196 49.69 9.54 10.56
CA LYS A 196 50.63 8.47 10.26
C LYS A 196 51.55 8.86 9.10
N LYS A 197 50.99 9.52 8.09
CA LYS A 197 51.77 10.04 6.98
C LYS A 197 52.26 11.45 7.33
N SER A 198 52.78 12.16 6.33
CA SER A 198 53.26 13.52 6.53
C SER A 198 52.11 14.48 6.81
N VAL B 18 23.18 2.14 -13.25
CA VAL B 18 24.20 1.10 -13.14
C VAL B 18 23.53 -0.26 -12.98
N GLN B 19 23.96 -1.22 -13.79
CA GLN B 19 23.34 -2.54 -13.85
C GLN B 19 24.28 -3.60 -13.30
N LEU B 20 23.68 -4.60 -12.64
CA LEU B 20 24.41 -5.73 -12.08
C LEU B 20 23.83 -7.02 -12.63
N VAL B 21 24.64 -7.78 -13.35
CA VAL B 21 24.20 -9.00 -14.02
C VAL B 21 24.99 -10.17 -13.45
N GLU B 22 24.27 -11.13 -12.88
CA GLU B 22 24.88 -12.33 -12.33
C GLU B 22 24.86 -13.45 -13.37
N SER B 23 25.88 -14.30 -13.31
CA SER B 23 26.02 -15.40 -14.26
C SER B 23 26.76 -16.55 -13.59
N GLY B 24 26.74 -17.71 -14.26
CA GLY B 24 27.44 -18.87 -13.76
C GLY B 24 26.63 -19.80 -12.89
N GLY B 25 25.32 -19.83 -13.05
CA GLY B 25 24.48 -20.71 -12.24
C GLY B 25 23.87 -21.84 -13.03
N GLY B 26 23.50 -22.92 -12.34
CA GLY B 26 22.91 -24.06 -13.02
C GLY B 26 22.65 -25.19 -12.06
N LEU B 27 22.42 -26.37 -12.63
CA LEU B 27 22.14 -27.57 -11.86
C LEU B 27 23.43 -28.35 -11.61
N VAL B 28 23.66 -28.71 -10.35
CA VAL B 28 24.85 -29.46 -9.97
C VAL B 28 24.49 -30.40 -8.81
N GLN B 29 25.44 -31.23 -8.39
CA GLN B 29 25.20 -32.24 -7.36
C GLN B 29 26.09 -31.97 -6.13
N ALA B 30 25.96 -32.84 -5.15
CA ALA B 30 26.70 -32.69 -3.90
C ALA B 30 28.18 -32.91 -4.11
N GLY B 31 29.00 -32.12 -3.44
CA GLY B 31 30.44 -32.24 -3.54
C GLY B 31 31.01 -31.46 -4.71
N GLU B 32 30.28 -31.42 -5.82
CA GLU B 32 30.73 -30.70 -7.00
C GLU B 32 30.74 -29.19 -6.74
N SER B 33 31.51 -28.48 -7.54
CA SER B 33 31.75 -27.06 -7.34
C SER B 33 31.16 -26.24 -8.48
N LEU B 34 30.96 -24.95 -8.21
CA LEU B 34 30.48 -24.00 -9.19
C LEU B 34 31.01 -22.62 -8.82
N ARG B 35 31.23 -21.78 -9.83
CA ARG B 35 31.72 -20.43 -9.63
C ARG B 35 30.70 -19.43 -10.15
N LEU B 36 30.37 -18.44 -9.32
CA LEU B 36 29.42 -17.41 -9.69
C LEU B 36 30.16 -16.11 -10.04
N SER B 37 29.53 -15.33 -10.92
CA SER B 37 30.08 -14.05 -11.35
C SER B 37 28.98 -13.00 -11.31
N CYS B 38 29.39 -11.75 -11.04
CA CYS B 38 28.47 -10.62 -11.04
C CYS B 38 29.20 -9.44 -11.69
N ALA B 39 28.93 -9.21 -12.98
CA ALA B 39 29.56 -8.12 -13.70
C ALA B 39 28.84 -6.80 -13.41
N ALA B 40 29.58 -5.71 -13.53
CA ALA B 40 29.07 -4.37 -13.31
C ALA B 40 29.09 -3.58 -14.62
N SER B 41 28.03 -2.80 -14.84
CA SER B 41 27.93 -2.03 -16.08
C SER B 41 28.92 -0.88 -16.13
N LYS B 42 29.26 -0.31 -14.97
CA LYS B 42 30.13 0.86 -14.94
C LYS B 42 31.48 0.53 -14.29
N PRO B 43 32.54 1.26 -14.66
CA PRO B 43 33.84 1.04 -14.02
C PRO B 43 33.91 1.51 -12.58
N THR B 44 32.82 2.05 -12.02
CA THR B 44 32.80 2.49 -10.63
C THR B 44 32.80 1.32 -9.65
N PHE B 45 32.73 0.08 -10.13
CA PHE B 45 32.69 -1.10 -9.27
C PHE B 45 33.90 -1.16 -8.34
N ARG B 46 35.01 -0.55 -8.74
CA ARG B 46 36.24 -0.61 -7.96
C ARG B 46 36.16 0.18 -6.66
N ASN B 47 35.21 1.09 -6.53
CA ASN B 47 35.11 1.93 -5.33
C ASN B 47 34.13 1.39 -4.30
N PHE B 48 33.36 0.37 -4.63
CA PHE B 48 32.32 -0.17 -3.76
C PHE B 48 32.77 -1.47 -3.11
N ALA B 49 32.05 -1.86 -2.07
CA ALA B 49 32.16 -3.21 -1.51
C ALA B 49 31.12 -4.10 -2.18
N ALA B 50 31.54 -5.32 -2.51
CA ALA B 50 30.70 -6.26 -3.24
C ALA B 50 30.38 -7.46 -2.36
N GLY B 51 29.08 -7.75 -2.20
CA GLY B 51 28.65 -8.85 -1.38
C GLY B 51 27.71 -9.78 -2.14
N TRP B 52 27.49 -10.95 -1.56
CA TRP B 52 26.63 -11.98 -2.14
C TRP B 52 25.53 -12.35 -1.17
N PHE B 53 24.31 -12.45 -1.67
CA PHE B 53 23.15 -12.87 -0.89
C PHE B 53 22.42 -13.98 -1.64
N ARG B 54 21.71 -14.81 -0.88
CA ARG B 54 20.88 -15.87 -1.46
C ARG B 54 19.49 -15.79 -0.87
N GLN B 55 18.48 -15.89 -1.72
CA GLN B 55 17.07 -15.86 -1.32
C GLN B 55 16.48 -17.20 -1.72
N THR B 56 16.51 -18.17 -0.80
CA THR B 56 15.88 -19.45 -1.06
C THR B 56 14.39 -19.24 -1.31
N PRO B 57 13.82 -19.87 -2.34
CA PRO B 57 12.41 -19.60 -2.68
C PRO B 57 11.49 -19.86 -1.51
N GLY B 58 10.70 -18.86 -1.16
CA GLY B 58 9.81 -18.93 -0.01
C GLY B 58 10.32 -18.14 1.17
N LYS B 59 11.64 -18.15 1.37
CA LYS B 59 12.27 -17.44 2.48
C LYS B 59 12.70 -16.04 2.02
N ASP B 60 13.50 -15.37 2.84
CA ASP B 60 14.01 -14.04 2.56
C ASP B 60 15.50 -14.09 2.24
N ARG B 61 16.11 -12.93 2.10
CA ARG B 61 17.53 -12.84 1.78
C ARG B 61 18.39 -13.34 2.93
N GLU B 62 19.56 -13.88 2.59
CA GLU B 62 20.52 -14.35 3.57
C GLU B 62 21.93 -14.02 3.09
N PHE B 63 22.76 -13.48 3.99
CA PHE B 63 24.11 -13.08 3.64
C PHE B 63 24.99 -14.29 3.35
N VAL B 64 25.95 -14.12 2.44
CA VAL B 64 26.89 -15.17 2.11
C VAL B 64 28.32 -14.69 2.33
N ALA B 65 28.73 -13.67 1.58
CA ALA B 65 30.11 -13.21 1.58
C ALA B 65 30.14 -11.75 1.14
N VAL B 66 31.28 -11.11 1.42
CA VAL B 66 31.48 -9.72 1.04
C VAL B 66 32.96 -9.47 0.85
N ILE B 67 33.30 -8.65 -0.14
CA ILE B 67 34.68 -8.25 -0.41
C ILE B 67 34.72 -6.74 -0.51
N GLU B 68 35.79 -6.15 0.01
CA GLU B 68 35.95 -4.70 -0.02
C GLU B 68 36.58 -4.27 -1.34
N TYR B 69 36.59 -2.95 -1.56
CA TYR B 69 37.02 -2.41 -2.86
C TYR B 69 38.48 -2.76 -3.14
N ASP B 70 39.33 -2.71 -2.12
CA ASP B 70 40.74 -3.05 -2.29
C ASP B 70 41.00 -4.54 -2.18
N GLY B 71 40.09 -5.30 -1.58
CA GLY B 71 40.28 -6.71 -1.36
C GLY B 71 41.16 -7.06 -0.17
N ASP B 72 41.59 -6.06 0.62
CA ASP B 72 42.45 -6.33 1.76
C ASP B 72 41.67 -6.76 3.00
N SER B 73 40.36 -6.90 2.91
CA SER B 73 39.54 -7.37 4.01
C SER B 73 38.30 -8.05 3.44
N ALA B 74 37.96 -9.22 4.00
CA ALA B 74 36.80 -9.98 3.56
C ALA B 74 36.12 -10.60 4.78
N TYR B 75 34.84 -10.92 4.62
CA TYR B 75 34.06 -11.51 5.69
C TYR B 75 33.07 -12.51 5.09
N TYR B 76 33.05 -13.72 5.65
CA TYR B 76 32.16 -14.78 5.22
C TYR B 76 31.15 -15.10 6.32
N ALA B 77 30.03 -15.68 5.91
CA ALA B 77 29.08 -16.22 6.88
C ALA B 77 29.57 -17.57 7.40
N ASP B 78 29.10 -17.93 8.59
CA ASP B 78 29.51 -19.20 9.20
C ASP B 78 29.01 -20.39 8.40
N SER B 79 27.88 -20.25 7.71
CA SER B 79 27.32 -21.36 6.94
C SER B 79 28.16 -21.70 5.72
N VAL B 80 29.01 -20.78 5.25
CA VAL B 80 29.80 -21.00 4.05
C VAL B 80 31.27 -20.72 4.31
N LYS B 81 31.64 -20.58 5.58
CA LYS B 81 33.03 -20.34 5.94
C LYS B 81 33.82 -21.64 5.80
N GLY B 82 34.88 -21.61 5.01
CA GLY B 82 35.65 -22.80 4.70
C GLY B 82 35.15 -23.59 3.51
N ARG B 83 34.04 -23.17 2.89
CA ARG B 83 33.51 -23.81 1.70
C ARG B 83 33.46 -22.87 0.50
N PHE B 84 33.15 -21.61 0.72
CA PHE B 84 33.04 -20.61 -0.34
C PHE B 84 34.25 -19.69 -0.30
N THR B 85 34.53 -19.06 -1.44
CA THR B 85 35.62 -18.11 -1.54
C THR B 85 35.21 -16.95 -2.43
N ILE B 86 35.53 -15.73 -1.99
CA ILE B 86 35.19 -14.51 -2.72
C ILE B 86 36.46 -13.90 -3.29
N SER B 87 36.35 -13.33 -4.49
CA SER B 87 37.43 -12.63 -5.14
C SER B 87 36.83 -11.62 -6.10
N ARG B 88 37.66 -10.67 -6.55
CA ARG B 88 37.16 -9.63 -7.44
C ARG B 88 38.27 -9.22 -8.39
N ASP B 89 37.87 -8.68 -9.54
CA ASP B 89 38.78 -8.14 -10.54
C ASP B 89 38.16 -6.85 -11.06
N ASN B 90 38.60 -5.71 -10.53
CA ASN B 90 38.02 -4.43 -10.90
C ASN B 90 38.29 -4.06 -12.35
N ALA B 91 39.30 -4.67 -12.97
CA ALA B 91 39.54 -4.45 -14.40
C ALA B 91 38.38 -4.96 -15.24
N LYS B 92 37.76 -6.07 -14.82
CA LYS B 92 36.58 -6.60 -15.48
C LYS B 92 35.28 -6.21 -14.79
N ASN B 93 35.36 -5.49 -13.67
CA ASN B 93 34.18 -5.04 -12.91
C ASN B 93 33.28 -6.23 -12.54
N THR B 94 33.88 -7.23 -11.92
CA THR B 94 33.19 -8.49 -11.65
C THR B 94 33.59 -9.04 -10.29
N VAL B 95 32.62 -9.59 -9.56
CA VAL B 95 32.87 -10.32 -8.33
C VAL B 95 32.81 -11.81 -8.62
N TYR B 96 33.51 -12.59 -7.81
CA TYR B 96 33.56 -14.05 -7.97
C TYR B 96 33.20 -14.71 -6.65
N LEU B 97 32.44 -15.81 -6.75
CA LEU B 97 32.06 -16.62 -5.60
C LEU B 97 32.31 -18.08 -5.95
N GLN B 98 33.49 -18.58 -5.58
CA GLN B 98 33.84 -19.98 -5.80
C GLN B 98 33.12 -20.84 -4.78
N MET B 99 32.08 -21.54 -5.23
CA MET B 99 31.22 -22.35 -4.36
C MET B 99 31.67 -23.80 -4.42
N ASN B 100 32.19 -24.33 -3.32
CA ASN B 100 32.66 -25.70 -3.23
C ASN B 100 31.86 -26.46 -2.20
N ARG B 101 31.85 -27.79 -2.35
CA ARG B 101 31.15 -28.70 -1.45
C ARG B 101 29.68 -28.32 -1.31
N LEU B 102 29.00 -28.23 -2.45
CA LEU B 102 27.64 -27.72 -2.50
C LEU B 102 26.65 -28.76 -1.98
N LYS B 103 25.76 -28.33 -1.10
CA LYS B 103 24.72 -29.17 -0.52
C LYS B 103 23.35 -28.76 -1.06
N PRO B 104 22.38 -29.69 -1.06
CA PRO B 104 21.07 -29.36 -1.64
C PRO B 104 20.41 -28.14 -1.04
N GLY B 105 20.70 -27.80 0.22
CA GLY B 105 20.15 -26.59 0.81
C GLY B 105 20.62 -25.31 0.15
N ASP B 106 21.78 -25.35 -0.50
CA ASP B 106 22.30 -24.17 -1.18
C ASP B 106 21.49 -23.78 -2.42
N THR B 107 20.50 -24.59 -2.80
CA THR B 107 19.64 -24.26 -3.93
C THR B 107 18.89 -22.97 -3.66
N ALA B 108 19.26 -21.90 -4.37
CA ALA B 108 18.65 -20.60 -4.18
C ALA B 108 19.06 -19.71 -5.34
N VAL B 109 18.34 -18.60 -5.51
CA VAL B 109 18.73 -17.57 -6.46
C VAL B 109 19.72 -16.65 -5.77
N TYR B 110 20.96 -16.66 -6.25
CA TYR B 110 22.04 -15.89 -5.63
C TYR B 110 22.09 -14.50 -6.25
N ILE B 111 21.96 -13.48 -5.42
CA ILE B 111 21.99 -12.09 -5.85
C ILE B 111 23.23 -11.43 -5.29
N CYS B 112 23.86 -10.58 -6.08
CA CYS B 112 25.07 -9.86 -5.69
C CYS B 112 24.71 -8.42 -5.38
N ALA B 113 25.18 -7.92 -4.25
CA ALA B 113 24.87 -6.58 -3.79
C ALA B 113 26.16 -5.75 -3.72
N ILE B 114 26.01 -4.46 -3.95
CA ILE B 114 27.15 -3.54 -4.00
C ILE B 114 26.77 -2.26 -3.27
N GLY B 115 27.60 -1.88 -2.30
CA GLY B 115 27.34 -0.71 -1.48
C GLY B 115 28.64 -0.11 -0.97
N GLY B 116 28.57 0.43 0.26
CA GLY B 116 29.73 1.10 0.83
C GLY B 116 30.59 0.20 1.68
N ASN B 117 31.83 0.64 1.89
CA ASN B 117 32.76 -0.04 2.79
C ASN B 117 32.56 0.52 4.19
N HIS B 118 32.00 -0.29 5.08
CA HIS B 118 31.58 0.18 6.39
C HIS B 118 32.71 0.01 7.41
N TYR B 119 32.77 0.97 8.34
CA TYR B 119 33.72 0.88 9.46
C TYR B 119 33.39 -0.31 10.35
N ASP B 120 32.11 -0.55 10.62
CA ASP B 120 31.68 -1.71 11.38
C ASP B 120 31.36 -2.83 10.40
N PRO B 121 32.11 -3.94 10.40
CA PRO B 121 31.83 -5.02 9.44
C PRO B 121 30.48 -5.68 9.64
N SER B 122 29.82 -5.48 10.79
CA SER B 122 28.51 -6.09 11.00
C SER B 122 27.45 -5.55 10.05
N LYS B 123 27.65 -4.36 9.49
CA LYS B 123 26.68 -3.80 8.56
C LYS B 123 26.58 -4.61 7.28
N TYR B 124 27.64 -5.34 6.91
CA TYR B 124 27.61 -6.15 5.71
C TYR B 124 26.58 -7.27 5.82
N TYR B 125 26.28 -7.73 7.04
CA TYR B 125 25.30 -8.78 7.23
C TYR B 125 23.89 -8.30 6.91
N THR B 126 23.62 -7.02 7.08
CA THR B 126 22.31 -6.46 6.75
C THR B 126 22.26 -6.11 5.27
N ALA B 127 21.19 -6.53 4.60
CA ALA B 127 21.05 -6.23 3.17
C ALA B 127 20.75 -4.76 2.94
N ASP B 128 20.04 -4.11 3.85
CA ASP B 128 19.66 -2.71 3.67
C ASP B 128 20.83 -1.76 3.72
N GLU B 129 22.01 -2.22 4.14
CA GLU B 129 23.20 -1.38 4.18
C GLU B 129 23.91 -1.27 2.84
N TYR B 130 23.40 -1.92 1.80
CA TYR B 130 23.96 -1.84 0.46
C TYR B 130 23.14 -0.87 -0.38
N ASP B 131 23.65 -0.58 -1.58
CA ASP B 131 23.04 0.41 -2.47
C ASP B 131 22.52 -0.18 -3.77
N TYR B 132 23.36 -0.91 -4.51
CA TYR B 132 22.95 -1.55 -5.74
C TYR B 132 22.65 -3.02 -5.50
N TRP B 133 21.71 -3.55 -6.28
CA TRP B 133 21.39 -4.98 -6.27
C TRP B 133 21.29 -5.47 -7.71
N GLY B 134 21.15 -6.78 -7.87
CA GLY B 134 21.12 -7.37 -9.18
C GLY B 134 19.84 -8.10 -9.51
N GLN B 135 19.89 -9.00 -10.49
CA GLN B 135 18.74 -9.80 -10.89
C GLN B 135 18.73 -11.16 -10.20
N GLY B 136 19.87 -11.81 -10.11
CA GLY B 136 19.98 -13.09 -9.44
C GLY B 136 20.17 -14.22 -10.44
N THR B 137 20.86 -15.27 -9.97
CA THR B 137 21.10 -16.47 -10.78
C THR B 137 20.69 -17.69 -9.96
N GLN B 138 19.87 -18.54 -10.56
CA GLN B 138 19.31 -19.69 -9.84
C GLN B 138 20.32 -20.84 -9.83
N VAL B 139 20.73 -21.24 -8.63
CA VAL B 139 21.61 -22.38 -8.43
C VAL B 139 20.79 -23.52 -7.85
N THR B 140 20.93 -24.71 -8.41
CA THR B 140 20.19 -25.89 -7.96
C THR B 140 21.17 -27.00 -7.67
N VAL B 141 21.13 -27.53 -6.44
CA VAL B 141 21.94 -28.68 -6.09
C VAL B 141 21.03 -29.88 -5.84
N VAL C 2 -10.37 20.50 -13.50
CA VAL C 2 -9.36 19.50 -13.15
C VAL C 2 -10.03 18.14 -12.97
N GLN C 3 -9.53 17.14 -13.69
CA GLN C 3 -10.14 15.81 -13.63
C GLN C 3 -9.12 14.77 -14.08
N LEU C 4 -9.34 13.54 -13.64
CA LEU C 4 -8.55 12.39 -14.04
C LEU C 4 -9.49 11.31 -14.57
N VAL C 5 -9.33 10.93 -15.83
CA VAL C 5 -10.19 9.96 -16.48
C VAL C 5 -9.40 8.66 -16.64
N GLU C 6 -9.90 7.59 -16.03
CA GLU C 6 -9.25 6.29 -16.06
C GLU C 6 -9.95 5.35 -17.04
N SER C 7 -9.16 4.43 -17.59
CA SER C 7 -9.68 3.40 -18.48
C SER C 7 -8.66 2.27 -18.55
N GLY C 8 -9.14 1.09 -18.97
CA GLY C 8 -8.29 -0.06 -19.23
C GLY C 8 -8.70 -1.31 -18.47
N GLY C 9 -9.39 -1.13 -17.35
CA GLY C 9 -9.74 -2.26 -16.50
C GLY C 9 -10.67 -3.25 -17.18
N GLY C 10 -10.76 -4.43 -16.59
CA GLY C 10 -11.61 -5.47 -17.15
C GLY C 10 -11.31 -6.81 -16.51
N LEU C 11 -11.74 -7.87 -17.19
CA LEU C 11 -11.55 -9.23 -16.72
C LEU C 11 -10.30 -9.83 -17.35
N ILE C 12 -9.50 -10.50 -16.51
CA ILE C 12 -8.26 -11.11 -16.96
C ILE C 12 -8.00 -12.36 -16.13
N GLN C 13 -7.31 -13.33 -16.73
CA GLN C 13 -6.96 -14.59 -16.09
C GLN C 13 -5.63 -14.48 -15.37
N PRO C 14 -5.40 -15.31 -14.35
CA PRO C 14 -4.11 -15.27 -13.64
C PRO C 14 -2.95 -15.50 -14.58
N GLY C 15 -1.89 -14.70 -14.40
CA GLY C 15 -0.76 -14.72 -15.29
C GLY C 15 -0.89 -13.82 -16.52
N GLY C 16 -2.04 -13.17 -16.69
CA GLY C 16 -2.26 -12.29 -17.82
C GLY C 16 -1.72 -10.89 -17.58
N SER C 17 -1.97 -10.01 -18.55
CA SER C 17 -1.48 -8.64 -18.51
C SER C 17 -2.60 -7.67 -18.85
N LEU C 18 -2.48 -6.45 -18.33
CA LEU C 18 -3.48 -5.42 -18.54
C LEU C 18 -2.84 -4.06 -18.32
N ARG C 19 -3.18 -3.09 -19.16
CA ARG C 19 -2.59 -1.75 -19.09
C ARG C 19 -3.67 -0.74 -18.70
N LEU C 20 -3.40 -0.01 -17.62
CA LEU C 20 -4.30 1.03 -17.13
C LEU C 20 -3.83 2.39 -17.63
N SER C 21 -4.79 3.28 -17.86
CA SER C 21 -4.51 4.62 -18.35
C SER C 21 -5.20 5.64 -17.46
N CYS C 22 -4.61 6.84 -17.38
CA CYS C 22 -5.15 7.92 -16.55
C CYS C 22 -4.94 9.24 -17.31
N ALA C 23 -5.96 9.64 -18.07
CA ALA C 23 -5.92 10.90 -18.80
C ALA C 23 -6.13 12.06 -17.84
N ALA C 24 -5.31 13.10 -17.97
CA ALA C 24 -5.31 14.22 -17.04
C ALA C 24 -5.69 15.51 -17.77
N SER C 25 -6.51 16.31 -17.11
CA SER C 25 -6.86 17.65 -17.57
C SER C 25 -6.87 18.58 -16.37
N GLY C 26 -6.26 19.76 -16.51
CA GLY C 26 -6.12 20.69 -15.42
C GLY C 26 -4.86 20.53 -14.60
N LEU C 27 -4.05 19.51 -14.88
CA LEU C 27 -2.76 19.34 -14.23
C LEU C 27 -1.82 18.65 -15.20
N THR C 28 -0.52 18.88 -15.02
CA THR C 28 0.51 18.29 -15.86
C THR C 28 1.10 17.08 -15.14
N VAL C 29 0.99 15.91 -15.78
CA VAL C 29 1.46 14.67 -15.17
C VAL C 29 2.98 14.69 -15.01
N SER C 30 3.70 15.15 -16.03
CA SER C 30 5.16 15.16 -16.01
C SER C 30 5.73 16.12 -14.97
N SER C 31 4.92 17.02 -14.43
CA SER C 31 5.37 18.00 -13.44
C SER C 31 4.81 17.73 -12.06
N ASN C 32 4.34 16.51 -11.80
CA ASN C 32 3.66 16.20 -10.55
C ASN C 32 4.02 14.80 -10.08
N TYR C 33 3.89 14.59 -8.78
CA TYR C 33 3.92 13.24 -8.22
C TYR C 33 2.61 12.54 -8.56
N MET C 34 2.68 11.49 -9.38
CA MET C 34 1.48 10.76 -9.80
C MET C 34 1.54 9.34 -9.23
N SER C 35 0.49 8.95 -8.52
CA SER C 35 0.47 7.69 -7.79
C SER C 35 -0.75 6.86 -8.21
N TRP C 36 -0.60 5.54 -8.12
CA TRP C 36 -1.68 4.60 -8.30
C TRP C 36 -2.04 3.98 -6.96
N VAL C 37 -3.33 4.00 -6.62
CA VAL C 37 -3.83 3.42 -5.38
C VAL C 37 -4.92 2.42 -5.73
N ARG C 38 -4.91 1.27 -5.06
CA ARG C 38 -5.90 0.24 -5.29
C ARG C 38 -6.63 -0.10 -4.00
N GLN C 39 -7.90 -0.49 -4.14
CA GLN C 39 -8.76 -0.83 -3.00
C GLN C 39 -9.47 -2.14 -3.32
N ALA C 40 -9.13 -3.20 -2.59
CA ALA C 40 -9.78 -4.48 -2.81
C ALA C 40 -11.26 -4.39 -2.42
N PRO C 41 -12.12 -5.10 -3.14
CA PRO C 41 -13.56 -5.05 -2.84
C PRO C 41 -13.82 -5.49 -1.41
N GLY C 42 -14.53 -4.64 -0.66
CA GLY C 42 -14.77 -4.91 0.75
C GLY C 42 -13.55 -4.78 1.62
N LYS C 43 -12.57 -3.99 1.21
CA LYS C 43 -11.32 -3.83 1.94
C LYS C 43 -10.93 -2.36 1.94
N GLY C 44 -9.67 -2.08 2.32
CA GLY C 44 -9.17 -0.74 2.40
C GLY C 44 -8.28 -0.37 1.22
N LEU C 45 -7.65 0.78 1.34
CA LEU C 45 -6.81 1.34 0.27
C LEU C 45 -5.35 0.96 0.48
N GLU C 46 -4.65 0.73 -0.63
CA GLU C 46 -3.25 0.33 -0.60
C GLU C 46 -2.50 1.00 -1.75
N TRP C 47 -1.32 1.53 -1.44
CA TRP C 47 -0.49 2.17 -2.45
C TRP C 47 0.14 1.13 -3.37
N VAL C 48 0.30 1.50 -4.64
CA VAL C 48 0.87 0.59 -5.63
C VAL C 48 2.17 1.15 -6.17
N SER C 49 2.10 2.32 -6.83
CA SER C 49 3.28 2.87 -7.49
C SER C 49 3.17 4.38 -7.53
N VAL C 50 4.32 5.03 -7.66
CA VAL C 50 4.42 6.48 -7.81
C VAL C 50 5.52 6.78 -8.81
N ILE C 51 5.31 7.81 -9.63
CA ILE C 51 6.32 8.28 -10.57
C ILE C 51 6.67 9.72 -10.20
N TYR C 52 7.96 9.97 -9.99
CA TYR C 52 8.43 11.30 -9.66
C TYR C 52 8.37 12.19 -10.90
N SER C 53 8.40 13.51 -10.68
CA SER C 53 8.48 14.44 -11.79
C SER C 53 9.80 14.35 -12.53
N GLY C 54 10.85 13.85 -11.88
CA GLY C 54 12.14 13.65 -12.49
C GLY C 54 12.36 12.31 -13.12
N GLY C 55 11.36 11.43 -13.10
CA GLY C 55 11.46 10.12 -13.71
C GLY C 55 11.67 8.96 -12.76
N SER C 56 11.97 9.23 -11.49
CA SER C 56 12.16 8.16 -10.52
C SER C 56 10.86 7.42 -10.28
N THR C 57 10.92 6.09 -10.27
CA THR C 57 9.75 5.25 -10.10
C THR C 57 9.92 4.36 -8.89
N PHE C 58 8.85 4.20 -8.12
CA PHE C 58 8.86 3.38 -6.92
C PHE C 58 7.61 2.53 -6.87
N TYR C 59 7.75 1.29 -6.41
CA TYR C 59 6.66 0.32 -6.39
C TYR C 59 6.56 -0.33 -5.02
N ALA C 60 5.35 -0.75 -4.67
CA ALA C 60 5.15 -1.55 -3.47
C ALA C 60 5.73 -2.94 -3.66
N ASP C 61 6.14 -3.56 -2.55
CA ASP C 61 6.75 -4.89 -2.62
C ASP C 61 5.79 -5.94 -3.16
N SER C 62 4.47 -5.71 -3.05
CA SER C 62 3.52 -6.68 -3.57
C SER C 62 3.44 -6.67 -5.09
N VAL C 63 3.88 -5.59 -5.74
CA VAL C 63 3.79 -5.46 -7.19
C VAL C 63 5.14 -5.22 -7.85
N LYS C 64 6.23 -5.21 -7.09
CA LYS C 64 7.54 -4.93 -7.67
C LYS C 64 7.96 -6.05 -8.60
N GLY C 65 8.51 -5.68 -9.76
CA GLY C 65 8.90 -6.62 -10.77
C GLY C 65 7.80 -7.01 -11.75
N ARG C 66 6.54 -6.90 -11.33
CA ARG C 66 5.40 -7.22 -12.19
C ARG C 66 4.71 -5.98 -12.75
N PHE C 67 4.80 -4.85 -12.05
CA PHE C 67 4.12 -3.63 -12.46
C PHE C 67 5.14 -2.60 -12.94
N THR C 68 4.74 -1.79 -13.92
CA THR C 68 5.60 -0.77 -14.50
C THR C 68 4.79 0.50 -14.71
N ILE C 69 5.19 1.58 -14.06
CA ILE C 69 4.54 2.88 -14.19
C ILE C 69 5.25 3.70 -15.26
N SER C 70 4.47 4.50 -15.99
CA SER C 70 5.02 5.29 -17.09
C SER C 70 4.05 6.42 -17.39
N ARG C 71 4.49 7.34 -18.25
CA ARG C 71 3.69 8.50 -18.60
C ARG C 71 4.00 8.90 -20.04
N ASP C 72 3.06 9.63 -20.64
CA ASP C 72 3.22 10.18 -21.97
C ASP C 72 2.89 11.67 -21.91
N ASN C 73 3.89 12.51 -22.17
CA ASN C 73 3.71 13.95 -22.01
C ASN C 73 2.82 14.52 -23.10
N SER C 74 2.93 14.00 -24.32
CA SER C 74 2.11 14.50 -25.42
C SER C 74 0.62 14.23 -25.18
N LYS C 75 0.31 13.14 -24.50
CA LYS C 75 -1.07 12.81 -24.17
C LYS C 75 -1.48 13.21 -22.76
N ASN C 76 -0.52 13.62 -21.93
CA ASN C 76 -0.77 13.97 -20.53
C ASN C 76 -1.54 12.86 -19.82
N THR C 77 -1.05 11.62 -19.99
CA THR C 77 -1.73 10.44 -19.51
C THR C 77 -0.75 9.57 -18.73
N LEU C 78 -1.16 9.12 -17.55
CA LEU C 78 -0.39 8.19 -16.74
C LEU C 78 -0.77 6.76 -17.11
N TYR C 79 0.22 5.86 -17.08
CA TYR C 79 0.01 4.46 -17.42
C TYR C 79 0.50 3.56 -16.29
N LEU C 80 -0.13 2.40 -16.18
CA LEU C 80 0.28 1.37 -15.21
C LEU C 80 0.22 0.02 -15.91
N GLN C 81 1.38 -0.51 -16.29
CA GLN C 81 1.46 -1.83 -16.90
C GLN C 81 1.44 -2.88 -15.80
N MET C 82 0.51 -3.84 -15.90
CA MET C 82 0.33 -4.88 -14.90
C MET C 82 0.50 -6.23 -15.59
N ASN C 83 1.61 -6.92 -15.29
CA ASN C 83 1.90 -8.24 -15.83
C ASN C 83 1.94 -9.26 -14.70
N SER C 84 1.82 -10.53 -15.08
CA SER C 84 1.86 -11.65 -14.14
C SER C 84 0.85 -11.45 -13.00
N LEU C 85 -0.37 -11.08 -13.39
CA LEU C 85 -1.39 -10.73 -12.41
C LEU C 85 -1.85 -11.96 -11.63
N ARG C 86 -2.05 -11.78 -10.34
CA ARG C 86 -2.59 -12.80 -9.45
C ARG C 86 -3.98 -12.40 -8.99
N ALA C 87 -4.65 -13.33 -8.32
CA ALA C 87 -6.02 -13.07 -7.86
C ALA C 87 -6.06 -11.96 -6.81
N GLU C 88 -4.99 -11.83 -6.01
CA GLU C 88 -4.96 -10.79 -4.98
C GLU C 88 -4.83 -9.39 -5.54
N ASP C 89 -4.55 -9.25 -6.85
CA ASP C 89 -4.50 -7.93 -7.48
C ASP C 89 -5.88 -7.42 -7.84
N THR C 90 -6.94 -8.19 -7.59
CA THR C 90 -8.29 -7.76 -7.89
C THR C 90 -8.70 -6.61 -6.97
N ALA C 91 -8.96 -5.45 -7.56
CA ALA C 91 -9.29 -4.25 -6.80
C ALA C 91 -9.77 -3.18 -7.78
N VAL C 92 -10.28 -2.09 -7.22
CA VAL C 92 -10.57 -0.89 -8.01
C VAL C 92 -9.36 0.02 -7.93
N TYR C 93 -8.74 0.30 -9.07
CA TYR C 93 -7.49 1.03 -9.13
C TYR C 93 -7.76 2.51 -9.37
N TYR C 94 -7.12 3.37 -8.57
CA TYR C 94 -7.28 4.80 -8.67
C TYR C 94 -5.95 5.44 -9.03
N CYS C 95 -5.99 6.35 -10.00
CA CYS C 95 -4.87 7.23 -10.28
C CYS C 95 -5.12 8.56 -9.58
N ALA C 96 -4.08 9.11 -8.96
CA ALA C 96 -4.25 10.32 -8.16
C ALA C 96 -2.99 11.16 -8.22
N ARG C 97 -3.18 12.48 -8.12
CA ARG C 97 -2.07 13.41 -8.04
C ARG C 97 -1.61 13.49 -6.59
N ASP C 98 -0.33 13.23 -6.35
CA ASP C 98 0.24 13.18 -5.02
C ASP C 98 0.93 14.50 -4.69
N LEU C 99 0.54 15.12 -3.58
CA LEU C 99 1.15 16.35 -3.10
C LEU C 99 1.94 16.12 -1.81
N ASP C 100 2.39 14.88 -1.59
CA ASP C 100 3.19 14.50 -0.43
C ASP C 100 2.47 14.79 0.88
N VAL C 101 3.00 15.72 1.67
CA VAL C 101 2.40 16.04 2.96
C VAL C 101 1.05 16.71 2.80
N TYR C 102 0.77 17.27 1.63
CA TYR C 102 -0.53 17.87 1.37
C TYR C 102 -1.60 16.85 1.03
N GLY C 103 -1.24 15.59 0.81
CA GLY C 103 -2.20 14.56 0.52
C GLY C 103 -2.45 14.37 -0.96
N LEU C 104 -3.46 13.57 -1.24
CA LEU C 104 -3.89 13.24 -2.60
C LEU C 104 -5.19 14.02 -2.87
N ASP C 105 -5.06 15.15 -3.56
CA ASP C 105 -6.22 16.03 -3.74
C ASP C 105 -7.07 15.60 -4.93
N VAL C 106 -6.45 15.33 -6.07
CA VAL C 106 -7.15 14.99 -7.30
C VAL C 106 -7.16 13.47 -7.44
N TRP C 107 -8.35 12.91 -7.61
CA TRP C 107 -8.53 11.47 -7.77
C TRP C 107 -9.25 11.17 -9.08
N GLY C 108 -9.02 9.97 -9.59
CA GLY C 108 -9.78 9.49 -10.73
C GLY C 108 -11.02 8.71 -10.30
N GLN C 109 -11.93 8.51 -11.25
CA GLN C 109 -13.16 7.78 -10.97
C GLN C 109 -12.92 6.32 -10.66
N GLY C 110 -11.75 5.78 -10.99
CA GLY C 110 -11.43 4.40 -10.70
C GLY C 110 -11.83 3.46 -11.81
N THR C 111 -11.06 2.39 -11.95
CA THR C 111 -11.35 1.33 -12.91
C THR C 111 -11.19 -0.02 -12.23
N THR C 112 -12.03 -0.97 -12.64
CA THR C 112 -12.11 -2.26 -11.96
C THR C 112 -11.22 -3.29 -12.64
N VAL C 113 -10.39 -3.95 -11.86
CA VAL C 113 -9.54 -5.03 -12.33
C VAL C 113 -9.95 -6.30 -11.62
N THR C 114 -10.39 -7.30 -12.38
CA THR C 114 -10.83 -8.57 -11.82
C THR C 114 -9.96 -9.69 -12.40
N VAL C 115 -9.20 -10.34 -11.53
CA VAL C 115 -8.33 -11.45 -11.91
C VAL C 115 -8.94 -12.74 -11.38
N SER C 116 -9.31 -13.64 -12.28
CA SER C 116 -9.91 -14.90 -11.88
C SER C 116 -9.79 -15.89 -13.04
N SER C 117 -9.63 -17.16 -12.68
CA SER C 117 -9.61 -18.24 -13.66
C SER C 117 -11.00 -18.79 -13.96
N ALA C 118 -12.02 -18.35 -13.23
CA ALA C 118 -13.37 -18.83 -13.46
C ALA C 118 -13.90 -18.36 -14.81
N SER C 119 -14.63 -19.22 -15.49
CA SER C 119 -15.19 -18.90 -16.79
C SER C 119 -16.43 -18.03 -16.63
N THR C 120 -16.81 -17.36 -17.72
CA THR C 120 -18.04 -16.59 -17.76
C THR C 120 -19.23 -17.53 -17.85
N LYS C 121 -20.08 -17.52 -16.83
CA LYS C 121 -21.19 -18.47 -16.75
C LYS C 121 -22.48 -17.71 -16.50
N GLY C 122 -23.55 -18.14 -17.18
CA GLY C 122 -24.86 -17.56 -17.01
C GLY C 122 -25.48 -17.95 -15.68
N PRO C 123 -26.30 -17.08 -15.12
CA PRO C 123 -26.92 -17.36 -13.82
C PRO C 123 -28.03 -18.39 -13.92
N SER C 124 -28.20 -19.13 -12.83
CA SER C 124 -29.33 -20.04 -12.66
C SER C 124 -30.29 -19.42 -11.67
N VAL C 125 -31.52 -19.17 -12.12
CA VAL C 125 -32.52 -18.47 -11.31
C VAL C 125 -33.48 -19.51 -10.75
N PHE C 126 -33.56 -19.57 -9.42
CA PHE C 126 -34.44 -20.49 -8.73
C PHE C 126 -35.48 -19.70 -7.95
N PRO C 127 -36.76 -20.09 -8.02
CA PRO C 127 -37.80 -19.29 -7.37
C PRO C 127 -37.72 -19.39 -5.85
N LEU C 128 -38.02 -18.29 -5.19
CA LEU C 128 -38.09 -18.21 -3.74
C LEU C 128 -39.56 -18.01 -3.38
N ALA C 129 -40.27 -19.12 -3.19
CA ALA C 129 -41.73 -19.12 -3.09
C ALA C 129 -42.20 -18.70 -1.69
N PRO C 130 -43.30 -17.97 -1.60
CA PRO C 130 -43.86 -17.62 -0.30
C PRO C 130 -44.68 -18.77 0.29
N SER C 131 -44.89 -18.70 1.60
CA SER C 131 -45.66 -19.68 2.35
C SER C 131 -46.00 -19.09 3.71
N SER C 132 -46.57 -19.92 4.59
CA SER C 132 -46.82 -19.47 5.96
C SER C 132 -45.52 -19.18 6.69
N LYS C 133 -44.44 -19.89 6.33
CA LYS C 133 -43.13 -19.57 6.87
C LYS C 133 -42.55 -18.30 6.25
N SER C 134 -43.16 -17.79 5.19
CA SER C 134 -42.76 -16.55 4.54
C SER C 134 -43.74 -15.42 4.81
N THR C 135 -44.57 -15.55 5.84
CA THR C 135 -45.62 -14.58 6.12
C THR C 135 -45.46 -14.05 7.54
N SER C 136 -45.79 -12.77 7.73
CA SER C 136 -45.61 -12.08 8.99
C SER C 136 -46.88 -11.31 9.37
N GLY C 137 -48.02 -11.99 9.31
CA GLY C 137 -49.27 -11.37 9.68
C GLY C 137 -49.77 -10.33 8.69
N GLY C 138 -50.16 -10.79 7.50
CA GLY C 138 -50.63 -9.92 6.46
C GLY C 138 -49.59 -9.50 5.46
N THR C 139 -48.31 -9.76 5.73
CA THR C 139 -47.22 -9.45 4.83
C THR C 139 -46.53 -10.75 4.43
N ALA C 140 -46.48 -11.01 3.13
CA ALA C 140 -45.83 -12.19 2.59
C ALA C 140 -44.58 -11.77 1.81
N ALA C 141 -43.53 -12.56 1.94
CA ALA C 141 -42.27 -12.29 1.27
C ALA C 141 -42.00 -13.36 0.22
N LEU C 142 -41.31 -12.95 -0.85
CA LEU C 142 -40.94 -13.85 -1.93
C LEU C 142 -39.75 -13.24 -2.67
N GLY C 143 -39.12 -14.05 -3.51
CA GLY C 143 -37.96 -13.56 -4.23
C GLY C 143 -37.48 -14.53 -5.28
N CYS C 144 -36.24 -14.31 -5.72
CA CYS C 144 -35.56 -15.18 -6.66
C CYS C 144 -34.11 -15.33 -6.22
N LEU C 145 -33.54 -16.52 -6.41
CA LEU C 145 -32.16 -16.81 -6.06
C LEU C 145 -31.34 -16.89 -7.34
N VAL C 146 -30.44 -15.93 -7.51
CA VAL C 146 -29.56 -15.87 -8.68
C VAL C 146 -28.23 -16.49 -8.26
N LYS C 147 -28.01 -17.75 -8.65
CA LYS C 147 -26.88 -18.53 -8.17
C LYS C 147 -25.93 -18.88 -9.30
N ASP C 148 -24.64 -18.92 -8.98
CA ASP C 148 -23.58 -19.44 -9.86
C ASP C 148 -23.52 -18.67 -11.18
N TYR C 149 -23.12 -17.40 -11.07
CA TYR C 149 -22.89 -16.58 -12.25
C TYR C 149 -21.54 -15.87 -12.14
N PHE C 150 -20.96 -15.57 -13.30
CA PHE C 150 -19.68 -14.88 -13.40
C PHE C 150 -19.55 -14.28 -14.78
N PRO C 151 -19.03 -13.06 -14.93
CA PRO C 151 -18.66 -12.20 -13.79
C PRO C 151 -19.80 -11.25 -13.41
N GLU C 152 -19.50 -10.30 -12.53
CA GLU C 152 -20.45 -9.26 -12.20
C GLU C 152 -20.64 -8.33 -13.40
N PRO C 153 -21.78 -7.63 -13.48
CA PRO C 153 -22.93 -7.65 -12.58
C PRO C 153 -24.16 -8.34 -13.15
N VAL C 154 -25.23 -8.38 -12.35
CA VAL C 154 -26.55 -8.82 -12.80
C VAL C 154 -27.56 -7.77 -12.39
N THR C 155 -28.63 -7.66 -13.16
CA THR C 155 -29.72 -6.73 -12.89
C THR C 155 -31.01 -7.52 -12.69
N VAL C 156 -31.72 -7.22 -11.61
CA VAL C 156 -32.96 -7.91 -11.26
C VAL C 156 -34.06 -6.87 -11.14
N SER C 157 -35.11 -7.03 -11.94
CA SER C 157 -36.32 -6.23 -11.84
C SER C 157 -37.50 -7.16 -11.55
N TRP C 158 -38.58 -6.58 -11.04
CA TRP C 158 -39.76 -7.34 -10.65
C TRP C 158 -40.95 -6.90 -11.52
N ASN C 159 -41.56 -7.86 -12.20
CA ASN C 159 -42.71 -7.62 -13.07
C ASN C 159 -42.41 -6.55 -14.11
N SER C 160 -41.29 -6.72 -14.82
CA SER C 160 -40.85 -5.82 -15.87
C SER C 160 -40.71 -4.38 -15.37
N GLY C 161 -40.14 -4.24 -14.18
CA GLY C 161 -39.88 -2.92 -13.62
C GLY C 161 -41.08 -2.21 -13.03
N ALA C 162 -42.23 -2.89 -12.91
CA ALA C 162 -43.43 -2.29 -12.34
C ALA C 162 -43.44 -2.35 -10.81
N LEU C 163 -42.79 -3.35 -10.22
CA LEU C 163 -42.76 -3.52 -8.77
C LEU C 163 -41.42 -3.03 -8.24
N THR C 164 -41.46 -1.99 -7.41
CA THR C 164 -40.25 -1.40 -6.85
C THR C 164 -40.33 -1.26 -5.35
N SER C 165 -41.53 -1.06 -4.82
CA SER C 165 -41.69 -0.82 -3.39
C SER C 165 -41.52 -2.12 -2.61
N GLY C 166 -40.65 -2.09 -1.60
CA GLY C 166 -40.35 -3.27 -0.80
C GLY C 166 -39.32 -4.19 -1.40
N VAL C 167 -38.85 -3.93 -2.61
CA VAL C 167 -37.88 -4.80 -3.25
C VAL C 167 -36.50 -4.59 -2.63
N HIS C 168 -35.83 -5.69 -2.30
CA HIS C 168 -34.50 -5.67 -1.72
C HIS C 168 -33.62 -6.63 -2.50
N THR C 169 -32.69 -6.10 -3.28
CA THR C 169 -31.70 -6.90 -4.00
C THR C 169 -30.39 -6.83 -3.22
N PHE C 170 -29.92 -7.99 -2.77
CA PHE C 170 -28.77 -8.03 -1.89
C PHE C 170 -27.46 -7.96 -2.67
N PRO C 171 -26.40 -7.44 -2.07
CA PRO C 171 -25.08 -7.49 -2.70
C PRO C 171 -24.64 -8.94 -2.92
N ALA C 172 -23.99 -9.17 -4.06
CA ALA C 172 -23.55 -10.52 -4.40
C ALA C 172 -22.36 -10.94 -3.55
N VAL C 173 -22.30 -12.23 -3.25
CA VAL C 173 -21.22 -12.82 -2.47
C VAL C 173 -20.51 -13.84 -3.35
N LEU C 174 -19.18 -13.90 -3.21
CA LEU C 174 -18.35 -14.84 -3.95
C LEU C 174 -18.23 -16.14 -3.17
N GLN C 175 -18.55 -17.26 -3.83
CA GLN C 175 -18.54 -18.57 -3.18
C GLN C 175 -17.22 -19.28 -3.43
N SER C 176 -17.04 -20.42 -2.76
CA SER C 176 -15.78 -21.15 -2.87
C SER C 176 -15.52 -21.64 -4.29
N SER C 177 -16.54 -21.68 -5.15
CA SER C 177 -16.38 -22.10 -6.53
C SER C 177 -15.83 -21.00 -7.42
N GLY C 178 -15.67 -19.78 -6.91
CA GLY C 178 -15.30 -18.67 -7.74
C GLY C 178 -16.44 -18.00 -8.47
N LEU C 179 -17.67 -18.40 -8.19
CA LEU C 179 -18.86 -17.84 -8.83
C LEU C 179 -19.65 -17.02 -7.82
N TYR C 180 -20.47 -16.11 -8.35
CA TYR C 180 -21.26 -15.21 -7.54
C TYR C 180 -22.68 -15.74 -7.34
N SER C 181 -23.26 -15.42 -6.19
CA SER C 181 -24.64 -15.76 -5.87
C SER C 181 -25.33 -14.53 -5.31
N LEU C 182 -26.62 -14.38 -5.63
CA LEU C 182 -27.35 -13.18 -5.27
C LEU C 182 -28.82 -13.55 -5.06
N SER C 183 -29.49 -12.77 -4.22
CA SER C 183 -30.90 -12.95 -3.94
C SER C 183 -31.59 -11.60 -3.96
N SER C 184 -32.78 -11.54 -4.58
CA SER C 184 -33.60 -10.35 -4.62
C SER C 184 -34.98 -10.70 -4.08
N VAL C 185 -35.40 -10.02 -3.02
CA VAL C 185 -36.65 -10.34 -2.33
C VAL C 185 -37.58 -9.14 -2.41
N VAL C 186 -38.85 -9.38 -2.07
CA VAL C 186 -39.88 -8.35 -2.11
C VAL C 186 -40.98 -8.75 -1.14
N THR C 187 -41.52 -7.76 -0.42
CA THR C 187 -42.62 -7.98 0.50
C THR C 187 -43.91 -7.50 -0.15
N VAL C 188 -44.88 -8.40 -0.27
CA VAL C 188 -46.16 -8.08 -0.90
C VAL C 188 -47.27 -8.45 0.06
N PRO C 189 -48.45 -7.83 -0.09
CA PRO C 189 -49.60 -8.25 0.73
C PRO C 189 -49.92 -9.72 0.50
N SER C 190 -50.17 -10.44 1.60
CA SER C 190 -50.48 -11.86 1.52
C SER C 190 -51.84 -12.13 0.88
N SER C 191 -52.69 -11.10 0.75
CA SER C 191 -53.98 -11.23 0.10
C SER C 191 -53.88 -11.22 -1.42
N SER C 192 -52.70 -10.98 -1.98
CA SER C 192 -52.51 -10.90 -3.41
C SER C 192 -51.79 -12.10 -4.00
N LEU C 193 -51.42 -13.10 -3.17
CA LEU C 193 -50.69 -14.26 -3.68
C LEU C 193 -51.53 -15.04 -4.69
N GLY C 194 -52.82 -15.20 -4.40
CA GLY C 194 -53.70 -15.93 -5.32
C GLY C 194 -54.23 -15.13 -6.48
N THR C 195 -53.97 -13.81 -6.52
CA THR C 195 -54.46 -12.97 -7.60
C THR C 195 -53.33 -12.39 -8.44
N GLN C 196 -52.38 -11.69 -7.83
CA GLN C 196 -51.32 -11.04 -8.58
C GLN C 196 -50.23 -12.03 -8.97
N THR C 197 -49.73 -11.90 -10.19
CA THR C 197 -48.59 -12.69 -10.65
C THR C 197 -47.30 -11.92 -10.36
N TYR C 198 -46.26 -12.66 -9.98
CA TYR C 198 -44.99 -12.05 -9.58
C TYR C 198 -43.87 -12.70 -10.38
N ILE C 199 -43.15 -11.88 -11.15
CA ILE C 199 -42.08 -12.35 -12.02
C ILE C 199 -40.84 -11.50 -11.76
N CYS C 200 -39.69 -12.15 -11.62
CA CYS C 200 -38.41 -11.47 -11.51
C CYS C 200 -37.67 -11.55 -12.83
N ASN C 201 -37.06 -10.44 -13.24
CA ASN C 201 -36.38 -10.33 -14.52
C ASN C 201 -34.88 -10.17 -14.25
N VAL C 202 -34.14 -11.28 -14.39
CA VAL C 202 -32.70 -11.29 -14.19
C VAL C 202 -32.01 -11.23 -15.54
N ASN C 203 -31.10 -10.28 -15.70
CA ASN C 203 -30.35 -10.09 -16.94
C ASN C 203 -28.87 -10.09 -16.63
N HIS C 204 -28.12 -10.94 -17.34
CA HIS C 204 -26.67 -11.05 -17.19
C HIS C 204 -26.05 -10.80 -18.56
N LYS C 205 -25.67 -9.56 -18.81
CA LYS C 205 -25.10 -9.18 -20.11
C LYS C 205 -23.82 -9.94 -20.47
N PRO C 206 -22.85 -10.16 -19.55
CA PRO C 206 -21.63 -10.86 -19.96
C PRO C 206 -21.87 -12.25 -20.54
N SER C 207 -22.95 -12.92 -20.17
CA SER C 207 -23.30 -14.22 -20.73
C SER C 207 -24.51 -14.18 -21.66
N ASN C 208 -25.05 -12.99 -21.94
CA ASN C 208 -26.23 -12.83 -22.80
C ASN C 208 -27.39 -13.68 -22.30
N THR C 209 -27.58 -13.70 -20.98
CA THR C 209 -28.61 -14.51 -20.34
C THR C 209 -29.70 -13.60 -19.80
N LYS C 210 -30.94 -13.87 -20.20
CA LYS C 210 -32.11 -13.16 -19.69
C LYS C 210 -33.15 -14.19 -19.27
N VAL C 211 -33.55 -14.16 -18.01
CA VAL C 211 -34.44 -15.15 -17.44
C VAL C 211 -35.59 -14.45 -16.74
N ASP C 212 -36.81 -14.93 -16.98
CA ASP C 212 -38.00 -14.46 -16.29
C ASP C 212 -38.61 -15.66 -15.55
N LYS C 213 -38.41 -15.71 -14.23
CA LYS C 213 -38.90 -16.81 -13.41
C LYS C 213 -40.14 -16.36 -12.65
N ARG C 214 -41.17 -17.19 -12.69
CA ARG C 214 -42.46 -16.88 -12.08
C ARG C 214 -42.51 -17.56 -10.70
N VAL C 215 -42.66 -16.75 -9.66
CA VAL C 215 -42.62 -17.24 -8.29
C VAL C 215 -44.05 -17.57 -7.87
N GLU C 216 -44.39 -18.85 -7.91
CA GLU C 216 -45.72 -19.31 -7.53
C GLU C 216 -45.75 -19.68 -6.05
N PRO C 217 -46.87 -19.44 -5.37
CA PRO C 217 -46.93 -19.72 -3.93
C PRO C 217 -46.80 -21.20 -3.59
N LYS C 218 -46.79 -21.50 -2.29
CA LYS C 218 -46.58 -22.86 -1.81
C LYS C 218 -47.59 -23.20 -0.72
N SER C 219 -47.37 -24.30 -0.02
CA SER C 219 -48.28 -24.69 1.07
C SER C 219 -48.08 -23.81 2.30
N ASP D 1 7.45 -1.33 9.75
CA ASP D 1 6.21 -0.80 9.22
C ASP D 1 5.32 -0.26 10.33
N ILE D 2 5.11 1.06 10.32
CA ILE D 2 4.27 1.69 11.33
C ILE D 2 2.82 1.29 11.10
N VAL D 3 2.16 0.85 12.17
CA VAL D 3 0.79 0.34 12.09
C VAL D 3 -0.19 1.47 12.37
N MET D 4 -1.19 1.61 11.52
CA MET D 4 -2.26 2.59 11.69
C MET D 4 -3.54 1.87 12.11
N THR D 5 -4.27 2.48 13.04
CA THR D 5 -5.52 1.93 13.53
C THR D 5 -6.56 3.05 13.65
N GLN D 6 -7.83 2.66 13.58
CA GLN D 6 -8.93 3.60 13.71
C GLN D 6 -9.98 3.02 14.64
N SER D 7 -10.61 3.90 15.44
CA SER D 7 -11.63 3.49 16.39
C SER D 7 -12.70 4.57 16.45
N PRO D 8 -13.99 4.20 16.37
CA PRO D 8 -14.45 2.82 16.18
C PRO D 8 -14.42 2.39 14.72
N SER D 9 -14.84 1.16 14.44
CA SER D 9 -14.96 0.72 13.05
C SER D 9 -16.30 1.13 12.47
N PHE D 10 -17.37 1.07 13.28
CA PHE D 10 -18.68 1.54 12.89
C PHE D 10 -19.21 2.47 13.96
N LEU D 11 -19.98 3.48 13.54
CA LEU D 11 -20.46 4.49 14.46
C LEU D 11 -21.76 5.08 13.95
N SER D 12 -22.78 5.09 14.81
CA SER D 12 -24.08 5.64 14.47
C SER D 12 -24.26 7.00 15.12
N ALA D 13 -24.84 7.93 14.39
CA ALA D 13 -25.08 9.27 14.90
C ALA D 13 -26.21 9.91 14.12
N SER D 14 -26.76 10.98 14.69
CA SER D 14 -27.85 11.73 14.09
C SER D 14 -27.36 13.09 13.63
N VAL D 15 -28.16 13.74 12.77
CA VAL D 15 -27.79 15.04 12.24
C VAL D 15 -27.71 16.05 13.38
N GLY D 16 -26.59 16.75 13.46
CA GLY D 16 -26.34 17.73 14.49
C GLY D 16 -25.46 17.26 15.63
N ASP D 17 -25.15 15.97 15.68
CA ASP D 17 -24.30 15.44 16.75
C ASP D 17 -22.85 15.79 16.51
N ARG D 18 -22.08 15.84 17.60
CA ARG D 18 -20.64 16.04 17.54
C ARG D 18 -19.97 14.68 17.37
N VAL D 19 -19.28 14.50 16.24
CA VAL D 19 -18.73 13.21 15.84
C VAL D 19 -17.22 13.28 15.95
N THR D 20 -16.64 12.39 16.76
CA THR D 20 -15.20 12.32 16.95
C THR D 20 -14.73 10.91 16.63
N ILE D 21 -13.84 10.78 15.65
CA ILE D 21 -13.25 9.51 15.27
C ILE D 21 -11.74 9.63 15.39
N THR D 22 -11.11 8.56 15.88
CA THR D 22 -9.70 8.59 16.26
C THR D 22 -8.89 7.68 15.35
N CYS D 23 -7.69 8.14 14.98
CA CYS D 23 -6.71 7.35 14.25
C CYS D 23 -5.41 7.35 15.03
N ARG D 24 -4.82 6.17 15.18
CA ARG D 24 -3.62 5.98 15.98
C ARG D 24 -2.50 5.38 15.16
N ALA D 25 -1.26 5.65 15.59
CA ALA D 25 -0.06 5.15 14.92
C ALA D 25 0.82 4.44 15.93
N SER D 26 1.49 3.38 15.48
CA SER D 26 2.35 2.60 16.37
C SER D 26 3.53 3.42 16.88
N GLN D 27 4.02 4.36 16.08
CA GLN D 27 5.12 5.23 16.47
C GLN D 27 4.75 6.68 16.16
N GLY D 28 5.63 7.59 16.57
CA GLY D 28 5.40 9.00 16.34
C GLY D 28 5.61 9.42 14.90
N ILE D 29 4.54 9.85 14.25
CA ILE D 29 4.61 10.28 12.85
C ILE D 29 4.42 11.80 12.73
N SER D 30 4.57 12.52 13.84
CA SER D 30 4.50 13.99 13.87
C SER D 30 3.14 14.41 13.32
N SER D 31 3.06 15.36 12.40
CA SER D 31 1.81 15.80 11.81
C SER D 31 1.60 15.24 10.41
N TYR D 32 2.24 14.12 10.08
CA TYR D 32 2.12 13.50 8.76
C TYR D 32 0.87 12.61 8.73
N LEU D 33 -0.29 13.27 8.81
CA LEU D 33 -1.57 12.60 8.82
C LEU D 33 -2.54 13.32 7.90
N ALA D 34 -3.27 12.55 7.11
CA ALA D 34 -4.30 13.09 6.22
C ALA D 34 -5.60 12.33 6.43
N TRP D 35 -6.71 13.04 6.32
CA TRP D 35 -8.04 12.48 6.50
C TRP D 35 -8.78 12.48 5.18
N TYR D 36 -9.52 11.40 4.90
CA TYR D 36 -10.24 11.24 3.65
C TYR D 36 -11.67 10.80 3.93
N GLN D 37 -12.56 11.12 3.00
CA GLN D 37 -13.96 10.71 3.04
C GLN D 37 -14.29 9.95 1.77
N GLN D 38 -14.83 8.74 1.92
CA GLN D 38 -15.22 7.92 0.79
C GLN D 38 -16.65 7.46 0.97
N LYS D 39 -17.49 7.75 -0.02
CA LYS D 39 -18.88 7.34 -0.14
C LYS D 39 -18.97 6.11 -1.05
N PRO D 40 -20.01 5.28 -0.89
CA PRO D 40 -20.07 4.02 -1.64
C PRO D 40 -20.02 4.25 -3.15
N GLY D 41 -19.05 3.62 -3.79
CA GLY D 41 -18.88 3.69 -5.23
C GLY D 41 -18.13 4.89 -5.74
N LYS D 42 -17.52 5.69 -4.87
CA LYS D 42 -16.81 6.90 -5.26
C LYS D 42 -15.36 6.84 -4.78
N ALA D 43 -14.54 7.74 -5.34
CA ALA D 43 -13.14 7.85 -4.97
C ALA D 43 -13.00 8.60 -3.64
N PRO D 44 -11.93 8.33 -2.89
CA PRO D 44 -11.71 9.07 -1.65
C PRO D 44 -11.52 10.56 -1.90
N LYS D 45 -12.00 11.36 -0.95
CA LYS D 45 -11.95 12.81 -1.04
C LYS D 45 -11.11 13.36 0.10
N LEU D 46 -10.12 14.20 -0.24
CA LEU D 46 -9.23 14.76 0.77
C LEU D 46 -9.95 15.81 1.60
N LEU D 47 -9.90 15.66 2.92
CA LEU D 47 -10.52 16.60 3.85
C LEU D 47 -9.52 17.44 4.61
N ILE D 48 -8.53 16.81 5.25
CA ILE D 48 -7.57 17.51 6.10
C ILE D 48 -6.18 16.95 5.82
N TYR D 49 -5.21 17.84 5.64
CA TYR D 49 -3.81 17.46 5.52
C TYR D 49 -3.01 18.15 6.62
N ALA D 50 -1.80 17.62 6.86
CA ALA D 50 -0.91 18.05 7.94
C ALA D 50 -1.57 17.90 9.31
N ALA D 51 -2.57 17.03 9.39
CA ALA D 51 -3.23 16.58 10.62
C ALA D 51 -4.10 17.66 11.25
N SER D 52 -4.00 18.90 10.77
CA SER D 52 -4.85 19.98 11.27
C SER D 52 -5.32 20.96 10.22
N THR D 53 -4.73 20.98 9.02
CA THR D 53 -5.04 22.00 8.02
C THR D 53 -6.18 21.52 7.14
N LEU D 54 -7.21 22.36 7.02
CA LEU D 54 -8.37 22.02 6.21
C LEU D 54 -8.09 22.24 4.73
N GLN D 55 -8.53 21.29 3.91
CA GLN D 55 -8.38 21.40 2.46
C GLN D 55 -9.38 22.41 1.91
N SER D 56 -8.96 23.16 0.90
CA SER D 56 -9.83 24.15 0.29
C SER D 56 -11.10 23.51 -0.26
N GLY D 57 -12.24 24.11 0.05
CA GLY D 57 -13.53 23.59 -0.37
C GLY D 57 -14.21 22.70 0.64
N VAL D 58 -13.53 22.32 1.72
CA VAL D 58 -14.12 21.44 2.74
C VAL D 58 -14.84 22.32 3.78
N PRO D 59 -16.08 21.98 4.13
CA PRO D 59 -16.80 22.75 5.16
C PRO D 59 -16.00 22.85 6.45
N SER D 60 -16.24 23.94 7.19
CA SER D 60 -15.51 24.21 8.43
C SER D 60 -15.91 23.28 9.57
N ARG D 61 -17.02 22.55 9.46
CA ARG D 61 -17.42 21.62 10.50
C ARG D 61 -16.41 20.51 10.70
N PHE D 62 -15.63 20.19 9.68
CA PHE D 62 -14.58 19.19 9.80
C PHE D 62 -13.35 19.81 10.46
N SER D 63 -12.84 19.15 11.50
CA SER D 63 -11.69 19.64 12.25
C SER D 63 -10.71 18.50 12.48
N GLY D 64 -9.42 18.82 12.40
CA GLY D 64 -8.37 17.85 12.65
C GLY D 64 -7.46 18.32 13.77
N SER D 65 -7.00 17.39 14.59
CA SER D 65 -6.13 17.72 15.70
C SER D 65 -5.32 16.49 16.07
N GLY D 66 -4.23 16.73 16.80
CA GLY D 66 -3.36 15.67 17.24
C GLY D 66 -1.99 15.74 16.58
N SER D 67 -1.01 15.13 17.24
CA SER D 67 0.36 15.10 16.75
C SER D 67 1.11 14.00 17.48
N GLY D 68 1.75 13.12 16.72
CA GLY D 68 2.45 12.01 17.33
C GLY D 68 1.81 10.67 17.05
N THR D 69 1.18 10.08 18.06
CA THR D 69 0.58 8.77 17.95
C THR D 69 -0.95 8.79 17.96
N GLU D 70 -1.57 9.92 18.28
CA GLU D 70 -3.02 10.02 18.38
C GLU D 70 -3.52 11.20 17.54
N PHE D 71 -4.52 10.94 16.71
CA PHE D 71 -5.12 11.97 15.87
C PHE D 71 -6.64 11.84 15.92
N THR D 72 -7.31 12.99 15.79
CA THR D 72 -8.77 13.05 15.90
C THR D 72 -9.36 13.76 14.69
N LEU D 73 -10.47 13.23 14.19
CA LEU D 73 -11.28 13.88 13.17
C LEU D 73 -12.64 14.21 13.77
N THR D 74 -12.97 15.49 13.85
CA THR D 74 -14.17 15.95 14.52
C THR D 74 -15.10 16.64 13.51
N ILE D 75 -16.37 16.26 13.53
CA ILE D 75 -17.42 16.95 12.79
C ILE D 75 -18.36 17.56 13.82
N SER D 76 -18.37 18.89 13.92
CA SER D 76 -19.12 19.55 14.98
C SER D 76 -20.61 19.30 14.87
N SER D 77 -21.18 19.55 13.69
CA SER D 77 -22.59 19.34 13.43
C SER D 77 -22.72 18.36 12.27
N LEU D 78 -23.16 17.15 12.56
CA LEU D 78 -23.31 16.14 11.52
C LEU D 78 -24.37 16.58 10.52
N GLN D 79 -24.09 16.36 9.24
CA GLN D 79 -24.94 16.74 8.14
C GLN D 79 -25.28 15.52 7.30
N PRO D 80 -26.40 15.55 6.56
CA PRO D 80 -26.81 14.37 5.80
C PRO D 80 -25.78 13.89 4.79
N GLU D 81 -24.94 14.77 4.27
CA GLU D 81 -23.94 14.38 3.26
C GLU D 81 -22.66 13.85 3.88
N ASP D 82 -22.49 13.93 5.19
CA ASP D 82 -21.29 13.44 5.85
C ASP D 82 -21.36 11.97 6.23
N PHE D 83 -22.51 11.31 6.02
CA PHE D 83 -22.66 9.89 6.32
C PHE D 83 -21.88 9.09 5.29
N ALA D 84 -20.67 8.67 5.66
CA ALA D 84 -19.80 7.92 4.76
C ALA D 84 -18.73 7.23 5.60
N THR D 85 -17.71 6.71 4.94
CA THR D 85 -16.56 6.09 5.59
C THR D 85 -15.38 7.05 5.56
N TYR D 86 -14.64 7.11 6.65
CA TYR D 86 -13.51 8.02 6.80
C TYR D 86 -12.24 7.24 7.07
N TYR D 87 -11.18 7.57 6.32
CA TYR D 87 -9.88 6.93 6.44
C TYR D 87 -8.84 7.94 6.88
N CYS D 88 -7.82 7.45 7.58
CA CYS D 88 -6.64 8.24 7.89
C CYS D 88 -5.44 7.66 7.15
N GLN D 89 -4.49 8.53 6.81
CA GLN D 89 -3.35 8.16 5.97
C GLN D 89 -2.08 8.75 6.56
N GLN D 90 -1.10 7.88 6.84
CA GLN D 90 0.21 8.35 7.26
C GLN D 90 1.01 8.77 6.03
N LEU D 91 1.77 9.85 6.18
CA LEU D 91 2.44 10.49 5.05
C LEU D 91 3.95 10.36 5.17
N ASN D 92 4.61 10.22 4.02
CA ASN D 92 6.06 10.13 3.93
C ASN D 92 6.61 9.00 4.81
N SER D 93 6.19 7.79 4.48
CA SER D 93 6.56 6.62 5.26
C SER D 93 7.62 5.81 4.51
N TYR D 94 8.07 4.72 5.16
CA TYR D 94 9.03 3.80 4.58
C TYR D 94 8.79 2.45 5.22
N PRO D 95 8.79 1.35 4.44
CA PRO D 95 8.99 1.32 2.98
C PRO D 95 7.88 1.90 2.06
N PRO D 96 6.59 1.70 2.35
CA PRO D 96 5.57 2.25 1.45
C PRO D 96 5.52 3.77 1.52
N LYS D 97 5.08 4.38 0.42
CA LYS D 97 4.98 5.84 0.37
C LYS D 97 3.96 6.36 1.36
N PHE D 98 2.80 5.71 1.45
CA PHE D 98 1.78 6.11 2.41
C PHE D 98 0.93 4.89 2.77
N THR D 99 0.48 4.87 4.03
CA THR D 99 -0.29 3.76 4.57
C THR D 99 -1.62 4.28 5.12
N PHE D 100 -2.72 3.70 4.65
CA PHE D 100 -4.05 4.10 5.08
C PHE D 100 -4.49 3.31 6.31
N GLY D 101 -5.55 3.78 6.94
CA GLY D 101 -6.12 3.12 8.09
C GLY D 101 -7.24 2.18 7.73
N PRO D 102 -7.75 1.45 8.73
CA PRO D 102 -8.86 0.51 8.46
C PRO D 102 -10.16 1.19 8.08
N GLY D 103 -10.36 2.46 8.45
CA GLY D 103 -11.56 3.18 8.09
C GLY D 103 -12.62 3.12 9.19
N THR D 104 -13.51 4.11 9.15
CA THR D 104 -14.62 4.20 10.09
C THR D 104 -15.88 4.58 9.32
N LYS D 105 -16.92 3.77 9.44
CA LYS D 105 -18.19 4.01 8.75
C LYS D 105 -19.14 4.75 9.67
N VAL D 106 -19.56 5.95 9.24
CA VAL D 106 -20.52 6.76 9.96
C VAL D 106 -21.89 6.51 9.34
N GLU D 107 -22.84 6.04 10.15
CA GLU D 107 -24.16 5.67 9.68
C GLU D 107 -25.24 6.42 10.46
N ILE D 108 -26.44 6.44 9.90
CA ILE D 108 -27.56 7.18 10.47
C ILE D 108 -28.14 6.42 11.65
N LYS D 109 -28.51 7.14 12.69
CA LYS D 109 -29.11 6.57 13.88
C LYS D 109 -30.62 6.76 13.87
N ARG D 110 -31.35 5.75 14.35
CA ARG D 110 -32.79 5.83 14.46
C ARG D 110 -33.24 4.87 15.57
N THR D 111 -34.55 4.76 15.73
CA THR D 111 -35.10 3.91 16.78
C THR D 111 -34.89 2.44 16.45
N VAL D 112 -34.81 1.62 17.51
CA VAL D 112 -34.58 0.19 17.33
C VAL D 112 -35.78 -0.44 16.65
N ALA D 113 -35.52 -1.21 15.59
CA ALA D 113 -36.55 -1.88 14.83
C ALA D 113 -36.24 -3.38 14.77
N ALA D 114 -37.20 -4.19 15.19
CA ALA D 114 -37.02 -5.64 15.19
C ALA D 114 -37.09 -6.19 13.77
N PRO D 115 -36.35 -7.25 13.48
CA PRO D 115 -36.38 -7.83 12.12
C PRO D 115 -37.53 -8.80 11.93
N SER D 116 -38.09 -8.77 10.72
CA SER D 116 -39.06 -9.78 10.30
C SER D 116 -38.30 -10.92 9.62
N VAL D 117 -38.57 -12.15 10.08
CA VAL D 117 -37.80 -13.32 9.69
C VAL D 117 -38.64 -14.19 8.77
N PHE D 118 -38.05 -14.58 7.63
CA PHE D 118 -38.70 -15.50 6.70
C PHE D 118 -37.68 -16.52 6.24
N ILE D 119 -38.02 -17.80 6.37
CA ILE D 119 -37.19 -18.89 5.86
C ILE D 119 -37.82 -19.42 4.57
N PHE D 120 -36.98 -19.82 3.63
CA PHE D 120 -37.43 -20.22 2.30
C PHE D 120 -36.88 -21.59 1.97
N PRO D 121 -37.73 -22.60 1.75
CA PRO D 121 -37.24 -23.94 1.40
C PRO D 121 -36.63 -23.94 0.01
N PRO D 122 -35.79 -24.92 -0.31
CA PRO D 122 -35.22 -25.00 -1.65
C PRO D 122 -36.27 -25.31 -2.70
N SER D 123 -35.96 -24.94 -3.94
CA SER D 123 -36.85 -25.20 -5.06
C SER D 123 -36.61 -26.61 -5.60
N ASP D 124 -37.67 -27.20 -6.16
CA ASP D 124 -37.53 -28.52 -6.76
C ASP D 124 -36.68 -28.48 -8.02
N GLU D 125 -36.64 -27.33 -8.72
CA GLU D 125 -35.77 -27.21 -9.88
C GLU D 125 -34.31 -27.29 -9.49
N GLN D 126 -33.94 -26.66 -8.38
CA GLN D 126 -32.56 -26.74 -7.91
C GLN D 126 -32.25 -28.14 -7.36
N LEU D 127 -33.22 -28.77 -6.70
CA LEU D 127 -33.00 -30.10 -6.16
C LEU D 127 -32.79 -31.14 -7.27
N LYS D 128 -33.36 -30.88 -8.46
CA LYS D 128 -33.07 -31.75 -9.60
C LYS D 128 -31.60 -31.68 -9.99
N SER D 129 -31.01 -30.49 -9.90
CA SER D 129 -29.62 -30.31 -10.31
C SER D 129 -28.63 -30.97 -9.36
N GLY D 130 -29.06 -31.33 -8.15
CA GLY D 130 -28.19 -31.94 -7.17
C GLY D 130 -27.71 -31.03 -6.06
N THR D 131 -28.20 -29.80 -6.00
CA THR D 131 -27.85 -28.85 -4.95
C THR D 131 -29.10 -28.39 -4.23
N ALA D 132 -28.92 -27.95 -2.99
CA ALA D 132 -30.03 -27.50 -2.15
C ALA D 132 -29.59 -26.26 -1.38
N SER D 133 -30.17 -25.11 -1.71
CA SER D 133 -29.86 -23.85 -1.05
C SER D 133 -31.07 -23.40 -0.24
N VAL D 134 -30.86 -23.17 1.05
CA VAL D 134 -31.89 -22.69 1.96
C VAL D 134 -31.56 -21.25 2.33
N VAL D 135 -32.54 -20.36 2.20
CA VAL D 135 -32.33 -18.93 2.36
C VAL D 135 -33.16 -18.43 3.53
N CYS D 136 -32.52 -17.69 4.44
CA CYS D 136 -33.18 -16.99 5.53
C CYS D 136 -33.04 -15.49 5.31
N LEU D 137 -34.13 -14.76 5.52
CA LEU D 137 -34.20 -13.33 5.21
C LEU D 137 -34.54 -12.53 6.45
N LEU D 138 -33.77 -11.48 6.70
CA LEU D 138 -34.02 -10.53 7.78
C LEU D 138 -34.30 -9.17 7.16
N ASN D 139 -35.50 -8.65 7.39
CA ASN D 139 -35.98 -7.47 6.68
C ASN D 139 -36.26 -6.33 7.65
N ASN D 140 -35.77 -5.13 7.31
CA ASN D 140 -36.13 -3.88 7.97
C ASN D 140 -35.82 -3.92 9.47
N PHE D 141 -34.52 -3.98 9.78
CA PHE D 141 -34.07 -4.02 11.16
C PHE D 141 -32.95 -3.01 11.40
N TYR D 142 -32.75 -2.69 12.67
CA TYR D 142 -31.75 -1.76 13.18
C TYR D 142 -31.62 -1.97 14.68
N PRO D 143 -30.40 -2.08 15.24
CA PRO D 143 -29.07 -1.93 14.64
C PRO D 143 -28.65 -3.07 13.71
N ARG D 144 -27.61 -2.82 12.91
CA ARG D 144 -27.13 -3.81 11.96
C ARG D 144 -26.61 -5.06 12.63
N GLU D 145 -26.23 -4.98 13.90
CA GLU D 145 -25.72 -6.14 14.61
C GLU D 145 -26.85 -7.14 14.85
N ALA D 146 -26.75 -8.31 14.23
CA ALA D 146 -27.72 -9.38 14.39
C ALA D 146 -27.02 -10.70 14.12
N LYS D 147 -27.53 -11.77 14.73
CA LYS D 147 -26.93 -13.09 14.61
C LYS D 147 -27.93 -14.05 14.00
N VAL D 148 -27.54 -14.66 12.87
CA VAL D 148 -28.34 -15.68 12.20
C VAL D 148 -27.59 -17.00 12.34
N GLN D 149 -28.22 -17.97 13.00
CA GLN D 149 -27.62 -19.28 13.24
C GLN D 149 -28.46 -20.34 12.55
N TRP D 150 -27.82 -21.13 11.69
CA TRP D 150 -28.48 -22.19 10.96
C TRP D 150 -28.50 -23.47 11.80
N LYS D 151 -29.68 -24.05 11.96
CA LYS D 151 -29.84 -25.31 12.69
C LYS D 151 -30.43 -26.35 11.76
N VAL D 152 -29.78 -27.51 11.70
CA VAL D 152 -30.22 -28.64 10.89
C VAL D 152 -30.40 -29.82 11.84
N ASP D 153 -31.65 -30.23 12.05
CA ASP D 153 -31.99 -31.22 13.08
C ASP D 153 -31.47 -30.79 14.44
N ASN D 154 -31.62 -29.49 14.74
CA ASN D 154 -31.19 -28.87 15.99
C ASN D 154 -29.67 -28.94 16.17
N ALA D 155 -28.92 -29.10 15.08
CA ALA D 155 -27.47 -29.07 15.12
C ALA D 155 -27.00 -27.77 14.49
N LEU D 156 -26.28 -26.97 15.28
CA LEU D 156 -25.83 -25.66 14.82
C LEU D 156 -24.86 -25.82 13.65
N GLN D 157 -25.20 -25.19 12.52
CA GLN D 157 -24.48 -25.38 11.27
C GLN D 157 -23.52 -24.22 11.03
N SER D 158 -22.26 -24.55 10.79
CA SER D 158 -21.23 -23.56 10.50
C SER D 158 -20.33 -24.06 9.39
N GLY D 159 -19.82 -23.12 8.59
CA GLY D 159 -18.95 -23.44 7.49
C GLY D 159 -19.63 -23.69 6.16
N ASN D 160 -20.96 -23.59 6.10
CA ASN D 160 -21.68 -23.80 4.84
C ASN D 160 -22.77 -22.75 4.65
N SER D 161 -22.56 -21.55 5.15
CA SER D 161 -23.52 -20.46 5.01
C SER D 161 -22.78 -19.18 4.64
N GLN D 162 -23.48 -18.29 3.93
CA GLN D 162 -22.92 -17.01 3.52
C GLN D 162 -23.98 -15.94 3.67
N GLU D 163 -23.58 -14.77 4.18
CA GLU D 163 -24.48 -13.68 4.47
C GLU D 163 -24.22 -12.50 3.54
N SER D 164 -25.28 -11.72 3.30
CA SER D 164 -25.19 -10.50 2.52
C SER D 164 -26.10 -9.47 3.15
N VAL D 165 -25.60 -8.24 3.33
CA VAL D 165 -26.31 -7.17 4.01
C VAL D 165 -26.46 -5.99 3.06
N THR D 166 -27.65 -5.42 3.02
CA THR D 166 -27.88 -4.21 2.25
C THR D 166 -27.40 -2.99 3.02
N GLU D 167 -27.09 -1.93 2.27
CA GLU D 167 -26.78 -0.66 2.90
C GLU D 167 -28.03 -0.07 3.54
N GLN D 168 -27.83 0.99 4.33
CA GLN D 168 -28.95 1.63 5.00
C GLN D 168 -29.96 2.13 3.98
N ASP D 169 -31.23 1.79 4.21
CA ASP D 169 -32.28 2.17 3.28
C ASP D 169 -32.45 3.68 3.24
N SER D 170 -32.77 4.20 2.06
CA SER D 170 -32.93 5.65 1.91
C SER D 170 -34.14 6.18 2.66
N LYS D 171 -35.16 5.35 2.91
CA LYS D 171 -36.39 5.81 3.53
C LYS D 171 -36.39 5.65 5.05
N ASP D 172 -36.35 4.41 5.53
CA ASP D 172 -36.48 4.15 6.95
C ASP D 172 -35.15 3.90 7.65
N SER D 173 -34.03 4.06 6.94
CA SER D 173 -32.69 3.92 7.51
C SER D 173 -32.48 2.56 8.16
N THR D 174 -33.14 1.53 7.64
CA THR D 174 -33.01 0.18 8.16
C THR D 174 -32.09 -0.65 7.26
N TYR D 175 -31.76 -1.84 7.74
CA TYR D 175 -30.96 -2.79 6.99
C TYR D 175 -31.81 -3.98 6.56
N SER D 176 -31.25 -4.80 5.68
CA SER D 176 -31.88 -6.04 5.25
C SER D 176 -30.78 -7.08 5.06
N LEU D 177 -30.99 -8.27 5.61
CA LEU D 177 -29.98 -9.32 5.62
C LEU D 177 -30.56 -10.61 5.04
N SER D 178 -29.71 -11.35 4.34
CA SER D 178 -30.06 -12.65 3.79
C SER D 178 -28.95 -13.63 4.10
N SER D 179 -29.32 -14.81 4.59
CA SER D 179 -28.38 -15.89 4.89
C SER D 179 -28.74 -17.10 4.06
N THR D 180 -27.77 -17.61 3.30
CA THR D 180 -28.00 -18.73 2.40
C THR D 180 -27.20 -19.94 2.89
N LEU D 181 -27.91 -21.01 3.21
CA LEU D 181 -27.30 -22.27 3.61
C LEU D 181 -27.28 -23.20 2.40
N THR D 182 -26.08 -23.59 1.97
CA THR D 182 -25.90 -24.39 0.78
C THR D 182 -25.34 -25.75 1.16
N LEU D 183 -25.95 -26.81 0.64
CA LEU D 183 -25.47 -28.17 0.88
C LEU D 183 -25.94 -29.06 -0.26
N SER D 184 -25.29 -30.21 -0.39
CA SER D 184 -25.57 -31.12 -1.48
C SER D 184 -26.97 -31.73 -1.33
N LYS D 185 -27.49 -32.25 -2.43
CA LYS D 185 -28.80 -32.89 -2.41
C LYS D 185 -28.79 -34.13 -1.53
N ALA D 186 -27.69 -34.89 -1.54
CA ALA D 186 -27.59 -36.07 -0.68
C ALA D 186 -27.59 -35.67 0.79
N ASP D 187 -26.85 -34.62 1.15
CA ASP D 187 -26.84 -34.17 2.53
C ASP D 187 -28.19 -33.60 2.94
N TYR D 188 -28.88 -32.93 2.02
CA TYR D 188 -30.15 -32.30 2.34
C TYR D 188 -31.23 -33.33 2.69
N GLU D 189 -31.14 -34.53 2.13
CA GLU D 189 -32.14 -35.56 2.35
C GLU D 189 -31.84 -36.44 3.56
N LYS D 190 -30.70 -36.22 4.23
CA LYS D 190 -30.36 -36.96 5.43
C LYS D 190 -30.96 -36.34 6.69
N HIS D 191 -31.61 -35.19 6.59
CA HIS D 191 -32.10 -34.46 7.75
C HIS D 191 -33.54 -34.01 7.49
N LYS D 192 -34.21 -33.56 8.55
CA LYS D 192 -35.62 -33.20 8.46
C LYS D 192 -35.88 -31.72 8.70
N VAL D 193 -35.49 -31.18 9.86
CA VAL D 193 -35.86 -29.84 10.28
C VAL D 193 -34.72 -28.88 9.96
N TYR D 194 -35.03 -27.81 9.24
CA TYR D 194 -34.07 -26.77 8.88
C TYR D 194 -34.57 -25.47 9.49
N ALA D 195 -33.85 -24.96 10.49
CA ALA D 195 -34.27 -23.81 11.27
C ALA D 195 -33.28 -22.67 11.10
N CYS D 196 -33.78 -21.44 11.29
CA CYS D 196 -32.97 -20.23 11.22
C CYS D 196 -33.27 -19.38 12.45
N GLU D 197 -32.29 -19.25 13.33
CA GLU D 197 -32.46 -18.54 14.59
C GLU D 197 -31.85 -17.15 14.48
N VAL D 198 -32.60 -16.15 14.94
CA VAL D 198 -32.20 -14.75 14.81
C VAL D 198 -32.20 -14.10 16.18
N THR D 199 -31.06 -13.51 16.54
CA THR D 199 -30.93 -12.74 17.78
C THR D 199 -30.67 -11.28 17.42
N HIS D 200 -31.46 -10.38 18.01
CA HIS D 200 -31.37 -8.96 17.69
C HIS D 200 -31.88 -8.15 18.87
N GLN D 201 -31.50 -6.87 18.90
CA GLN D 201 -31.90 -5.99 20.00
C GLN D 201 -33.41 -5.85 20.10
N GLY D 202 -34.07 -5.64 18.95
CA GLY D 202 -35.51 -5.46 18.94
C GLY D 202 -36.31 -6.70 19.27
N LEU D 203 -35.66 -7.87 19.29
CA LEU D 203 -36.31 -9.12 19.63
C LEU D 203 -36.06 -9.43 21.10
N SER D 204 -37.15 -9.66 21.85
CA SER D 204 -37.01 -9.96 23.27
C SER D 204 -36.30 -11.28 23.50
N SER D 205 -36.43 -12.22 22.58
CA SER D 205 -35.71 -13.49 22.62
C SER D 205 -35.50 -13.97 21.20
N PRO D 206 -34.56 -14.87 20.97
CA PRO D 206 -34.30 -15.34 19.60
C PRO D 206 -35.55 -15.93 18.95
N VAL D 207 -35.82 -15.49 17.73
CA VAL D 207 -36.94 -15.96 16.92
C VAL D 207 -36.41 -16.99 15.93
N THR D 208 -37.13 -18.10 15.78
CA THR D 208 -36.69 -19.20 14.93
C THR D 208 -37.80 -19.55 13.95
N LYS D 209 -37.47 -19.50 12.65
CA LYS D 209 -38.37 -19.97 11.59
C LYS D 209 -37.80 -21.27 11.03
N SER D 210 -38.64 -22.30 10.97
CA SER D 210 -38.18 -23.63 10.58
C SER D 210 -39.20 -24.27 9.63
N PHE D 211 -38.70 -25.19 8.81
CA PHE D 211 -39.55 -26.00 7.94
C PHE D 211 -39.05 -27.44 7.99
N ASN D 212 -39.94 -28.36 7.63
CA ASN D 212 -39.62 -29.78 7.56
C ASN D 212 -39.55 -30.21 6.10
N ARG D 213 -38.53 -31.00 5.77
CA ARG D 213 -38.35 -31.46 4.40
C ARG D 213 -39.56 -32.26 3.94
N GLY D 214 -40.06 -31.94 2.76
CA GLY D 214 -41.27 -32.57 2.25
C GLY D 214 -42.56 -31.91 2.68
N GLU D 215 -42.52 -30.66 3.15
CA GLU D 215 -43.70 -29.94 3.60
C GLU D 215 -44.45 -30.71 4.69
#